data_5EGW
#
_entry.id   5EGW
#
_cell.length_a   83.450
_cell.length_b   89.550
_cell.length_c   104.060
_cell.angle_alpha   90.000
_cell.angle_beta   90.000
_cell.angle_gamma   90.000
#
_symmetry.space_group_name_H-M   'P 21 21 21'
#
loop_
_entity.id
_entity.type
_entity.pdbx_description
1 polymer 'Cysteine protease'
2 water water
#
_entity_poly.entity_id   1
_entity_poly.type   'polypeptide(L)'
_entity_poly.pdbx_seq_one_letter_code
;MGSSHHHHHHSSGLVPRGSHMFHYHERELESEEGFMGMYDRWREQHNIEMRSPERFNVFKYNVRRIHESNKMDKPYKLKV
NEFADMTNLEFVNTYANSKISHFQALRGSAPGSIDTDPNKDFIYANVTKIPDKVDWREKNAVTDVKGQGGCGSCWAFAAV
VALEGINAIRTGKLVKFSEQQLVDCDMTNAGCDGGLMEPAFTYVIKHGGIAPEASYPYVGKRETCDKAKIKDVLKIDGRQ
NVPGLDEEALRKAVAHQPVATGIQLSGHGLQFYSEGVYTGDCGTEPNHGVGIVGYGENEKGIKFWTVKNSWGPTWGEKGY
IHLQRGARKEGLCGVAMHSSFPIMNDPNPPKDDPNGPKDDPDAPKDPKFKTTQRLQGIRTKLLEL
;
_entity_poly.pdbx_strand_id   A,B
#
# COMPACT_ATOMS: atom_id res chain seq x y z
N MET A 21 -27.62 -8.53 -0.81
CA MET A 21 -26.67 -8.64 -1.91
C MET A 21 -27.29 -8.46 -3.34
N PHE A 22 -26.41 -8.16 -4.32
CA PHE A 22 -26.68 -8.01 -5.74
C PHE A 22 -26.15 -9.25 -6.46
N HIS A 23 -27.03 -9.91 -7.22
CA HIS A 23 -26.71 -11.10 -7.99
C HIS A 23 -26.79 -10.77 -9.49
N TYR A 24 -26.05 -11.56 -10.29
CA TYR A 24 -25.97 -11.47 -11.75
C TYR A 24 -25.64 -12.85 -12.35
N HIS A 25 -25.85 -13.00 -13.67
CA HIS A 25 -25.58 -14.20 -14.44
C HIS A 25 -24.39 -13.91 -15.37
N GLU A 26 -23.57 -14.94 -15.58
CA GLU A 26 -22.36 -14.94 -16.40
C GLU A 26 -22.54 -14.33 -17.81
N ARG A 27 -23.71 -14.52 -18.48
CA ARG A 27 -24.03 -14.04 -19.85
C ARG A 27 -24.14 -12.51 -20.01
N GLU A 28 -24.58 -11.84 -18.94
CA GLU A 28 -24.71 -10.38 -18.85
C GLU A 28 -23.36 -9.71 -19.14
N LEU A 29 -22.27 -10.48 -19.08
CA LEU A 29 -20.90 -10.07 -19.31
C LEU A 29 -20.49 -10.22 -20.78
N GLU A 30 -21.12 -11.16 -21.51
CA GLU A 30 -20.81 -11.46 -22.91
C GLU A 30 -21.19 -10.35 -23.91
N SER A 31 -22.28 -9.61 -23.63
CA SER A 31 -22.78 -8.54 -24.50
C SER A 31 -22.89 -7.22 -23.80
N GLU A 32 -22.70 -6.11 -24.55
CA GLU A 32 -22.82 -4.73 -24.06
C GLU A 32 -24.23 -4.42 -23.58
N GLU A 33 -25.22 -5.04 -24.22
CA GLU A 33 -26.64 -4.89 -23.92
C GLU A 33 -26.96 -5.56 -22.57
N GLY A 34 -26.40 -6.77 -22.38
CA GLY A 34 -26.57 -7.54 -21.16
C GLY A 34 -25.89 -6.88 -19.97
N PHE A 35 -24.70 -6.26 -20.23
CA PHE A 35 -23.85 -5.55 -19.26
C PHE A 35 -24.43 -4.21 -18.84
N MET A 36 -25.07 -3.49 -19.80
CA MET A 36 -25.77 -2.21 -19.60
C MET A 36 -27.01 -2.41 -18.74
N GLY A 37 -27.70 -3.54 -18.96
CA GLY A 37 -28.87 -3.93 -18.20
C GLY A 37 -28.49 -4.19 -16.76
N MET A 38 -27.41 -4.97 -16.58
CA MET A 38 -26.78 -5.26 -15.31
C MET A 38 -26.30 -3.95 -14.60
N TYR A 39 -25.70 -2.98 -15.34
CA TYR A 39 -25.28 -1.67 -14.77
C TYR A 39 -26.47 -0.94 -14.15
N ASP A 40 -27.52 -0.70 -14.96
CA ASP A 40 -28.77 -0.02 -14.54
C ASP A 40 -29.49 -0.76 -13.42
N ARG A 41 -29.46 -2.12 -13.40
CA ARG A 41 -30.06 -2.91 -12.32
C ARG A 41 -29.32 -2.66 -10.98
N TRP A 42 -27.98 -2.65 -11.04
CA TRP A 42 -27.08 -2.39 -9.93
C TRP A 42 -27.32 -0.96 -9.39
N ARG A 43 -27.43 0.01 -10.33
CA ARG A 43 -27.68 1.43 -10.10
C ARG A 43 -28.98 1.61 -9.33
N GLU A 44 -30.05 0.90 -9.77
CA GLU A 44 -31.36 0.92 -9.14
C GLU A 44 -31.29 0.30 -7.76
N GLN A 45 -30.65 -0.87 -7.63
CA GLN A 45 -30.52 -1.59 -6.36
C GLN A 45 -29.78 -0.80 -5.29
N HIS A 46 -28.78 0.04 -5.68
CA HIS A 46 -27.96 0.82 -4.76
C HIS A 46 -28.26 2.33 -4.74
N ASN A 47 -29.28 2.78 -5.51
CA ASN A 47 -29.71 4.17 -5.62
C ASN A 47 -28.60 5.14 -6.06
N ILE A 48 -27.92 4.79 -7.18
CA ILE A 48 -26.87 5.62 -7.77
C ILE A 48 -27.54 6.52 -8.80
N GLU A 49 -27.53 7.83 -8.57
CA GLU A 49 -28.15 8.77 -9.51
C GLU A 49 -27.31 8.94 -10.80
N MET A 50 -26.00 8.66 -10.73
CA MET A 50 -25.09 8.76 -11.87
C MET A 50 -25.39 7.66 -12.89
N ARG A 51 -25.38 8.00 -14.18
CA ARG A 51 -25.57 7.04 -15.29
C ARG A 51 -24.82 7.59 -16.49
N SER A 52 -23.50 7.34 -16.54
CA SER A 52 -22.63 7.87 -17.58
C SER A 52 -21.81 6.79 -18.29
N PRO A 53 -21.42 6.99 -19.58
CA PRO A 53 -20.56 5.99 -20.27
C PRO A 53 -19.26 5.68 -19.52
N GLU A 54 -18.66 6.72 -18.86
CA GLU A 54 -17.44 6.64 -18.07
C GLU A 54 -17.68 5.71 -16.90
N ARG A 55 -18.74 5.98 -16.09
CA ARG A 55 -19.14 5.18 -14.92
C ARG A 55 -19.55 3.77 -15.30
N PHE A 56 -20.17 3.61 -16.49
CA PHE A 56 -20.55 2.29 -17.02
C PHE A 56 -19.27 1.51 -17.35
N ASN A 57 -18.25 2.21 -17.88
CA ASN A 57 -16.97 1.61 -18.23
C ASN A 57 -16.25 1.11 -16.98
N VAL A 58 -16.29 1.91 -15.89
CA VAL A 58 -15.67 1.57 -14.59
C VAL A 58 -16.37 0.36 -13.99
N PHE A 59 -17.70 0.30 -14.15
CA PHE A 59 -18.51 -0.80 -13.67
C PHE A 59 -18.09 -2.08 -14.38
N LYS A 60 -17.98 -2.02 -15.70
CA LYS A 60 -17.53 -3.16 -16.50
C LYS A 60 -16.15 -3.63 -16.00
N TYR A 61 -15.22 -2.67 -15.75
CA TYR A 61 -13.85 -2.93 -15.31
C TYR A 61 -13.80 -3.68 -13.99
N ASN A 62 -14.55 -3.15 -13.02
CA ASN A 62 -14.65 -3.72 -11.69
C ASN A 62 -15.36 -5.06 -11.66
N VAL A 63 -16.52 -5.18 -12.36
CA VAL A 63 -17.29 -6.43 -12.44
C VAL A 63 -16.50 -7.59 -13.06
N ARG A 64 -15.77 -7.34 -14.16
CA ARG A 64 -14.95 -8.37 -14.81
C ARG A 64 -13.87 -8.85 -13.85
N ARG A 65 -13.26 -7.91 -13.11
CA ARG A 65 -12.23 -8.23 -12.13
C ARG A 65 -12.75 -9.05 -10.94
N ILE A 66 -14.00 -8.80 -10.44
CA ILE A 66 -14.71 -9.51 -9.36
C ILE A 66 -14.98 -10.91 -9.88
N HIS A 67 -15.58 -10.98 -11.10
CA HIS A 67 -15.91 -12.20 -11.79
C HIS A 67 -14.68 -13.06 -11.96
N GLU A 68 -13.57 -12.49 -12.47
CA GLU A 68 -12.31 -13.22 -12.62
C GLU A 68 -11.78 -13.75 -11.30
N SER A 69 -11.83 -12.92 -10.25
CA SER A 69 -11.36 -13.31 -8.92
C SER A 69 -12.18 -14.45 -8.35
N ASN A 70 -13.51 -14.34 -8.37
CA ASN A 70 -14.41 -15.39 -7.85
C ASN A 70 -14.28 -16.71 -8.57
N LYS A 71 -13.71 -16.70 -9.81
CA LYS A 71 -13.44 -17.89 -10.63
C LYS A 71 -12.21 -18.68 -10.10
N MET A 72 -11.30 -17.98 -9.44
CA MET A 72 -10.09 -18.51 -8.83
C MET A 72 -10.38 -19.27 -7.54
N ASP A 73 -9.40 -20.08 -7.09
CA ASP A 73 -9.43 -20.89 -5.87
C ASP A 73 -8.91 -20.02 -4.74
N LYS A 74 -9.80 -19.13 -4.25
CA LYS A 74 -9.43 -18.19 -3.21
C LYS A 74 -10.16 -18.42 -1.91
N PRO A 75 -9.49 -18.15 -0.76
CA PRO A 75 -10.16 -18.24 0.55
C PRO A 75 -11.20 -17.14 0.79
N TYR A 76 -11.31 -16.14 -0.12
CA TYR A 76 -12.21 -15.01 0.02
C TYR A 76 -13.02 -14.77 -1.26
N LYS A 77 -14.19 -14.11 -1.15
CA LYS A 77 -15.08 -13.78 -2.26
C LYS A 77 -15.32 -12.28 -2.34
N LEU A 78 -15.57 -11.78 -3.55
CA LEU A 78 -15.84 -10.37 -3.77
C LEU A 78 -17.29 -10.22 -4.23
N LYS A 79 -17.89 -9.05 -3.98
CA LYS A 79 -19.28 -8.78 -4.37
C LYS A 79 -19.37 -7.46 -5.12
N VAL A 80 -20.40 -7.30 -5.95
CA VAL A 80 -20.63 -6.06 -6.70
C VAL A 80 -21.38 -5.15 -5.73
N ASN A 81 -20.59 -4.40 -4.91
CA ASN A 81 -21.15 -3.52 -3.90
C ASN A 81 -21.46 -2.14 -4.42
N GLU A 82 -21.84 -1.19 -3.52
CA GLU A 82 -22.18 0.20 -3.87
C GLU A 82 -21.02 1.00 -4.50
N PHE A 83 -19.77 0.52 -4.35
CA PHE A 83 -18.57 1.19 -4.84
C PHE A 83 -18.17 0.74 -6.22
N ALA A 84 -19.01 -0.10 -6.88
CA ALA A 84 -18.71 -0.74 -8.17
C ALA A 84 -18.42 0.17 -9.33
N ASP A 85 -18.91 1.40 -9.28
CA ASP A 85 -18.73 2.36 -10.36
C ASP A 85 -17.63 3.39 -10.07
N MET A 86 -16.88 3.19 -8.98
CA MET A 86 -15.74 4.02 -8.56
C MET A 86 -14.45 3.27 -8.94
N THR A 87 -13.45 3.99 -9.45
CA THR A 87 -12.14 3.37 -9.71
C THR A 87 -11.51 3.18 -8.31
N ASN A 88 -10.58 2.23 -8.14
CA ASN A 88 -9.98 2.03 -6.83
C ASN A 88 -9.22 3.24 -6.36
N LEU A 89 -8.67 4.05 -7.32
CA LEU A 89 -7.99 5.29 -7.00
C LEU A 89 -9.00 6.25 -6.43
N GLU A 90 -10.22 6.29 -7.01
CA GLU A 90 -11.29 7.15 -6.49
C GLU A 90 -11.75 6.68 -5.13
N PHE A 91 -11.92 5.34 -5.02
CA PHE A 91 -12.38 4.69 -3.79
C PHE A 91 -11.46 4.99 -2.61
N VAL A 92 -10.20 4.61 -2.72
CA VAL A 92 -9.14 4.81 -1.73
C VAL A 92 -9.01 6.28 -1.31
N ASN A 93 -8.98 7.20 -2.26
CA ASN A 93 -8.92 8.62 -1.98
C ASN A 93 -10.18 9.20 -1.30
N THR A 94 -11.28 8.47 -1.27
CA THR A 94 -12.48 8.94 -0.61
C THR A 94 -12.58 8.23 0.76
N TYR A 95 -12.33 6.90 0.80
CA TYR A 95 -12.52 6.07 2.00
C TYR A 95 -11.28 5.55 2.74
N ALA A 96 -10.11 5.59 2.13
CA ALA A 96 -8.93 5.08 2.80
C ALA A 96 -7.76 6.10 2.93
N ASN A 97 -8.07 7.39 2.96
CA ASN A 97 -7.09 8.46 3.03
C ASN A 97 -6.79 9.08 4.40
N SER A 98 -6.40 8.27 5.40
CA SER A 98 -6.03 8.81 6.71
C SER A 98 -4.51 8.95 6.89
N LYS A 99 -3.74 8.53 5.85
CA LYS A 99 -2.28 8.70 5.74
C LYS A 99 -1.48 8.25 6.98
N ILE A 100 -1.92 7.17 7.64
CA ILE A 100 -1.29 6.65 8.85
C ILE A 100 0.21 6.45 8.70
N SER A 101 0.65 5.73 7.63
CA SER A 101 2.08 5.46 7.40
C SER A 101 2.89 6.75 7.27
N HIS A 102 2.30 7.77 6.59
CA HIS A 102 2.82 9.11 6.33
C HIS A 102 3.05 9.86 7.65
N PHE A 103 2.00 10.00 8.48
CA PHE A 103 2.06 10.64 9.80
C PHE A 103 2.96 9.89 10.78
N GLN A 104 3.01 8.57 10.65
CA GLN A 104 3.92 7.79 11.49
C GLN A 104 5.38 8.13 11.13
N ALA A 105 5.69 8.40 9.87
CA ALA A 105 7.05 8.75 9.46
C ALA A 105 7.45 10.19 9.93
N LEU A 106 6.50 11.14 9.90
CA LEU A 106 6.72 12.53 10.27
C LEU A 106 6.91 12.69 11.76
N ARG A 107 6.09 11.99 12.56
CA ARG A 107 6.05 12.15 14.01
C ARG A 107 5.89 10.85 14.72
N GLY A 108 6.78 9.92 14.42
CA GLY A 108 6.71 8.61 15.05
C GLY A 108 7.88 7.70 14.77
N SER A 109 7.88 6.58 15.50
CA SER A 109 8.89 5.53 15.49
C SER A 109 8.64 4.53 14.37
N ALA A 110 9.72 3.87 13.90
CA ALA A 110 9.65 2.82 12.88
C ALA A 110 8.94 1.61 13.51
N PRO A 111 8.17 0.78 12.74
CA PRO A 111 7.49 -0.38 13.37
C PRO A 111 8.50 -1.30 14.02
N GLY A 112 8.18 -1.77 15.21
CA GLY A 112 9.10 -2.64 15.95
C GLY A 112 9.79 -1.98 17.12
N SER A 113 10.12 -0.66 17.02
CA SER A 113 10.83 0.16 18.02
C SER A 113 10.45 -0.12 19.50
N ILE A 114 11.47 -0.06 20.41
CA ILE A 114 11.32 -0.28 21.88
C ILE A 114 10.98 1.01 22.64
N ASP A 115 10.41 0.88 23.87
CA ASP A 115 10.02 2.03 24.70
C ASP A 115 11.19 2.93 25.17
N THR A 116 10.85 4.22 25.48
CA THR A 116 11.73 5.28 25.99
C THR A 116 12.26 4.88 27.39
N ASP A 117 11.33 4.52 28.32
CA ASP A 117 11.61 4.04 29.67
C ASP A 117 11.21 2.55 29.62
N PRO A 118 12.15 1.61 29.29
CA PRO A 118 11.77 0.18 29.11
C PRO A 118 11.05 -0.60 30.23
N ASN A 119 10.47 0.11 31.24
CA ASN A 119 9.64 -0.38 32.36
C ASN A 119 8.92 0.84 33.04
N LYS A 120 7.68 1.25 32.66
CA LYS A 120 6.66 0.70 31.73
C LYS A 120 7.07 -0.02 30.39
N ASP A 121 6.85 -1.37 30.33
CA ASP A 121 7.08 -2.20 29.14
C ASP A 121 5.72 -2.41 28.39
N PHE A 122 5.30 -3.67 28.04
CA PHE A 122 4.03 -3.99 27.35
C PHE A 122 3.21 -4.86 28.28
N ILE A 123 2.08 -4.29 28.79
CA ILE A 123 1.22 -4.89 29.82
C ILE A 123 0.82 -6.35 29.68
N TYR A 124 0.78 -6.85 28.45
CA TYR A 124 0.39 -8.22 28.15
C TYR A 124 1.52 -9.12 27.76
N ALA A 125 2.78 -8.60 27.87
CA ALA A 125 4.02 -9.29 27.52
C ALA A 125 4.15 -10.68 28.11
N ASN A 126 3.74 -10.83 29.38
CA ASN A 126 3.89 -12.08 30.12
C ASN A 126 2.66 -12.94 30.35
N VAL A 127 1.56 -12.69 29.60
CA VAL A 127 0.38 -13.54 29.77
C VAL A 127 0.67 -14.91 29.15
N THR A 128 0.06 -15.95 29.76
CA THR A 128 0.29 -17.35 29.40
C THR A 128 -0.95 -18.06 28.90
N LYS A 129 -2.08 -17.88 29.58
CA LYS A 129 -3.33 -18.57 29.26
C LYS A 129 -4.22 -17.65 28.47
N ILE A 130 -4.22 -17.85 27.15
CA ILE A 130 -5.03 -17.08 26.22
C ILE A 130 -5.85 -17.99 25.30
N PRO A 131 -7.09 -17.58 24.91
CA PRO A 131 -7.88 -18.42 24.00
C PRO A 131 -7.28 -18.57 22.60
N ASP A 132 -7.65 -19.65 21.93
CA ASP A 132 -7.19 -19.89 20.57
C ASP A 132 -8.02 -19.05 19.58
N LYS A 133 -9.30 -18.81 19.94
CA LYS A 133 -10.31 -18.00 19.24
C LYS A 133 -10.83 -16.96 20.21
N VAL A 134 -10.88 -15.71 19.76
CA VAL A 134 -11.43 -14.55 20.47
C VAL A 134 -12.37 -13.82 19.49
N ASP A 135 -13.52 -13.37 20.03
CA ASP A 135 -14.49 -12.54 19.32
C ASP A 135 -15.20 -11.61 20.32
N TRP A 136 -14.71 -10.38 20.47
CA TRP A 136 -15.30 -9.42 21.38
C TRP A 136 -16.78 -9.05 21.12
N ARG A 137 -17.26 -9.24 19.87
CA ARG A 137 -18.66 -9.03 19.48
C ARG A 137 -19.59 -9.95 20.28
N GLU A 138 -19.09 -11.14 20.67
CA GLU A 138 -19.84 -12.15 21.45
C GLU A 138 -19.81 -11.84 22.96
N LYS A 139 -18.82 -11.08 23.42
CA LYS A 139 -18.65 -10.71 24.81
C LYS A 139 -19.16 -9.26 25.08
N ASN A 140 -20.16 -8.82 24.25
CA ASN A 140 -20.85 -7.52 24.28
C ASN A 140 -19.93 -6.30 24.42
N ALA A 141 -18.83 -6.30 23.68
CA ALA A 141 -17.81 -5.25 23.80
C ALA A 141 -17.58 -4.55 22.48
N VAL A 142 -18.49 -4.77 21.50
CA VAL A 142 -18.37 -4.21 20.16
C VAL A 142 -19.69 -3.57 19.73
N THR A 143 -19.66 -2.27 19.42
CA THR A 143 -20.85 -1.55 18.95
C THR A 143 -21.20 -1.91 17.48
N ASP A 144 -22.25 -1.30 16.94
CA ASP A 144 -22.62 -1.51 15.55
C ASP A 144 -21.56 -0.97 14.62
N VAL A 145 -21.57 -1.45 13.36
CA VAL A 145 -20.67 -0.98 12.33
C VAL A 145 -21.09 0.46 11.95
N LYS A 146 -20.08 1.37 11.97
CA LYS A 146 -20.21 2.79 11.68
C LYS A 146 -19.68 3.12 10.30
N GLY A 147 -19.98 4.31 9.83
CA GLY A 147 -19.56 4.83 8.54
C GLY A 147 -18.80 6.12 8.71
N GLN A 148 -17.61 6.25 8.04
CA GLN A 148 -16.80 7.47 8.17
C GLN A 148 -17.04 8.49 7.07
N GLY A 149 -17.49 8.05 5.90
CA GLY A 149 -17.68 8.92 4.74
C GLY A 149 -16.35 9.30 4.09
N GLY A 150 -16.34 10.45 3.41
CA GLY A 150 -15.17 10.99 2.70
C GLY A 150 -14.04 11.51 3.56
N CYS A 151 -14.26 11.55 4.86
CA CYS A 151 -13.36 12.07 5.86
C CYS A 151 -12.30 11.05 6.25
N GLY A 152 -11.02 11.44 6.19
CA GLY A 152 -9.90 10.59 6.59
C GLY A 152 -9.76 10.55 8.10
N SER A 153 -10.84 10.14 8.78
CA SER A 153 -11.00 10.07 10.24
C SER A 153 -10.85 8.68 10.82
N CYS A 154 -10.42 7.71 10.03
CA CYS A 154 -10.29 6.32 10.48
C CYS A 154 -9.38 6.14 11.70
N TRP A 155 -8.45 7.06 11.92
CA TRP A 155 -7.61 7.02 13.09
C TRP A 155 -8.50 7.23 14.34
N ALA A 156 -9.58 8.04 14.20
CA ALA A 156 -10.52 8.34 15.28
C ALA A 156 -11.43 7.13 15.42
N PHE A 157 -11.95 6.62 14.31
CA PHE A 157 -12.77 5.41 14.30
C PHE A 157 -12.11 4.21 14.98
N ALA A 158 -10.84 3.92 14.61
CA ALA A 158 -10.07 2.82 15.16
C ALA A 158 -9.85 3.02 16.65
N ALA A 159 -9.42 4.25 17.04
CA ALA A 159 -9.20 4.61 18.44
C ALA A 159 -10.47 4.40 19.23
N VAL A 160 -11.64 4.72 18.63
CA VAL A 160 -12.93 4.57 19.30
C VAL A 160 -13.36 3.09 19.46
N VAL A 161 -13.02 2.20 18.49
CA VAL A 161 -13.32 0.77 18.57
C VAL A 161 -12.61 0.25 19.83
N ALA A 162 -11.33 0.65 20.02
CA ALA A 162 -10.51 0.29 21.19
C ALA A 162 -11.09 0.89 22.48
N LEU A 163 -11.51 2.16 22.44
CA LEU A 163 -12.09 2.87 23.58
C LEU A 163 -13.43 2.26 24.04
N GLU A 164 -14.34 1.94 23.08
CA GLU A 164 -15.64 1.31 23.35
C GLU A 164 -15.44 -0.05 23.96
N GLY A 165 -14.44 -0.77 23.47
CA GLY A 165 -14.09 -2.13 23.89
C GLY A 165 -13.69 -2.21 25.35
N ILE A 166 -12.65 -1.44 25.74
CA ILE A 166 -12.19 -1.45 27.12
C ILE A 166 -13.24 -0.94 28.13
N ASN A 167 -14.05 0.07 27.74
CA ASN A 167 -15.12 0.55 28.61
C ASN A 167 -16.12 -0.58 28.86
N ALA A 168 -16.58 -1.24 27.78
CA ALA A 168 -17.54 -2.35 27.86
C ALA A 168 -17.02 -3.48 28.72
N ILE A 169 -15.71 -3.78 28.61
CA ILE A 169 -15.01 -4.83 29.37
C ILE A 169 -14.95 -4.48 30.86
N ARG A 170 -14.54 -3.24 31.20
CA ARG A 170 -14.35 -2.76 32.59
C ARG A 170 -15.64 -2.40 33.30
N THR A 171 -16.62 -1.85 32.59
CA THR A 171 -17.87 -1.39 33.20
C THR A 171 -19.05 -2.32 32.98
N GLY A 172 -18.95 -3.19 31.97
CA GLY A 172 -20.05 -4.09 31.63
C GLY A 172 -21.14 -3.41 30.83
N LYS A 173 -21.01 -2.09 30.58
CA LYS A 173 -21.97 -1.28 29.83
C LYS A 173 -21.39 -0.93 28.44
N LEU A 174 -22.07 -1.36 27.36
CA LEU A 174 -21.60 -1.08 26.00
C LEU A 174 -22.08 0.31 25.62
N VAL A 175 -21.11 1.24 25.41
CA VAL A 175 -21.37 2.65 25.09
C VAL A 175 -20.56 3.03 23.86
N LYS A 176 -21.24 3.68 22.89
CA LYS A 176 -20.72 4.24 21.64
C LYS A 176 -20.02 5.58 21.97
N PHE A 177 -18.75 5.71 21.60
CA PHE A 177 -18.00 6.94 21.85
C PHE A 177 -17.86 7.86 20.63
N SER A 178 -17.42 9.13 20.83
CA SER A 178 -17.30 10.12 19.76
C SER A 178 -16.01 10.17 18.96
N GLU A 179 -16.10 9.81 17.66
CA GLU A 179 -14.99 9.95 16.75
C GLU A 179 -14.90 11.43 16.40
N GLN A 180 -16.09 12.10 16.37
CA GLN A 180 -16.22 13.52 16.07
C GLN A 180 -15.47 14.43 17.07
N GLN A 181 -15.50 14.06 18.36
CA GLN A 181 -14.77 14.82 19.38
C GLN A 181 -13.27 14.74 19.09
N LEU A 182 -12.79 13.58 18.65
CA LEU A 182 -11.40 13.39 18.29
C LEU A 182 -11.03 14.22 17.06
N VAL A 183 -11.88 14.19 16.00
CA VAL A 183 -11.69 14.95 14.74
C VAL A 183 -11.60 16.45 15.01
N ASP A 184 -12.56 17.00 15.79
CA ASP A 184 -12.68 18.43 16.11
C ASP A 184 -11.66 18.95 17.14
N CYS A 185 -11.50 18.20 18.25
CA CYS A 185 -10.68 18.58 19.41
C CYS A 185 -9.22 18.15 19.45
N ASP A 186 -8.89 16.99 18.87
CA ASP A 186 -7.51 16.51 18.89
C ASP A 186 -6.64 17.20 17.85
N MET A 187 -6.00 18.30 18.32
CA MET A 187 -5.14 19.17 17.53
C MET A 187 -3.74 18.62 17.24
N THR A 188 -3.39 17.50 17.89
CA THR A 188 -2.13 16.80 17.67
C THR A 188 -2.25 16.03 16.36
N ASN A 189 -3.50 15.68 15.99
CA ASN A 189 -3.83 15.00 14.73
C ASN A 189 -4.40 16.01 13.77
N ALA A 190 -4.50 15.64 12.46
CA ALA A 190 -4.92 16.48 11.34
C ALA A 190 -6.41 16.38 10.88
N GLY A 191 -7.34 16.15 11.82
CA GLY A 191 -8.78 16.04 11.57
C GLY A 191 -9.13 15.10 10.44
N CYS A 192 -9.75 15.64 9.36
CA CYS A 192 -10.17 14.88 8.19
C CYS A 192 -9.06 14.59 7.20
N ASP A 193 -7.85 15.14 7.43
CA ASP A 193 -6.70 14.88 6.58
C ASP A 193 -5.91 13.65 7.05
N GLY A 194 -6.25 13.14 8.23
CA GLY A 194 -5.62 11.96 8.81
C GLY A 194 -5.00 12.11 10.17
N GLY A 195 -4.29 11.08 10.57
CA GLY A 195 -3.62 11.05 11.86
C GLY A 195 -3.36 9.67 12.42
N LEU A 196 -2.90 9.66 13.64
CA LEU A 196 -2.53 8.47 14.37
C LEU A 196 -3.39 8.20 15.59
N MET A 197 -3.59 6.91 15.90
CA MET A 197 -4.44 6.47 17.02
C MET A 197 -3.82 6.65 18.36
N GLU A 198 -2.48 6.39 18.51
CA GLU A 198 -1.81 6.59 19.82
C GLU A 198 -1.97 8.05 20.35
N PRO A 199 -1.64 9.11 19.55
CA PRO A 199 -1.88 10.47 20.01
C PRO A 199 -3.34 10.79 20.34
N ALA A 200 -4.28 10.02 19.77
CA ALA A 200 -5.71 10.18 20.02
C ALA A 200 -6.02 9.74 21.47
N PHE A 201 -5.40 8.65 21.94
CA PHE A 201 -5.60 8.19 23.32
C PHE A 201 -4.91 9.11 24.31
N THR A 202 -3.75 9.71 23.91
CA THR A 202 -2.99 10.70 24.68
C THR A 202 -3.86 11.93 24.86
N TYR A 203 -4.62 12.29 23.80
CA TYR A 203 -5.59 13.39 23.83
C TYR A 203 -6.65 13.09 24.91
N VAL A 204 -7.21 11.86 24.90
CA VAL A 204 -8.25 11.39 25.83
C VAL A 204 -7.77 11.41 27.29
N ILE A 205 -6.47 11.21 27.52
CA ILE A 205 -5.88 11.25 28.86
C ILE A 205 -5.69 12.72 29.28
N LYS A 206 -4.97 13.50 28.44
CA LYS A 206 -4.63 14.91 28.66
C LYS A 206 -5.79 15.89 28.69
N HIS A 207 -6.86 15.63 27.93
CA HIS A 207 -8.03 16.51 27.86
C HIS A 207 -9.29 16.06 28.61
N GLY A 208 -9.07 15.23 29.65
CA GLY A 208 -10.09 14.77 30.57
C GLY A 208 -11.19 13.84 30.09
N GLY A 209 -10.98 13.16 28.96
CA GLY A 209 -11.94 12.18 28.48
C GLY A 209 -12.70 12.38 27.18
N ILE A 210 -13.26 11.26 26.71
CA ILE A 210 -14.05 11.13 25.48
C ILE A 210 -15.54 10.92 25.78
N ALA A 211 -16.37 11.82 25.24
CA ALA A 211 -17.81 11.85 25.38
C ALA A 211 -18.49 10.77 24.54
N PRO A 212 -19.72 10.33 24.91
CA PRO A 212 -20.42 9.35 24.06
C PRO A 212 -20.88 9.97 22.75
N GLU A 213 -21.13 9.14 21.72
CA GLU A 213 -21.58 9.60 20.40
C GLU A 213 -22.93 10.35 20.48
N ALA A 214 -23.84 9.96 21.40
CA ALA A 214 -25.13 10.63 21.54
C ALA A 214 -24.92 12.10 21.88
N SER A 215 -23.92 12.39 22.71
CA SER A 215 -23.53 13.72 23.17
C SER A 215 -22.80 14.52 22.08
N TYR A 216 -21.82 13.88 21.41
CA TYR A 216 -21.05 14.51 20.33
C TYR A 216 -21.25 13.66 19.06
N PRO A 217 -22.35 13.90 18.31
CA PRO A 217 -22.65 13.08 17.12
C PRO A 217 -21.64 13.25 15.99
N TYR A 218 -21.59 12.27 15.08
CA TYR A 218 -20.68 12.31 13.94
C TYR A 218 -21.24 13.07 12.76
N VAL A 219 -20.41 13.96 12.17
CA VAL A 219 -20.82 14.73 11.00
C VAL A 219 -20.15 14.28 9.71
N GLY A 220 -18.88 13.89 9.77
CA GLY A 220 -18.13 13.42 8.61
C GLY A 220 -17.31 14.47 7.91
N LYS A 221 -17.10 15.60 8.62
CA LYS A 221 -16.34 16.78 8.24
C LYS A 221 -15.84 17.45 9.54
N ARG A 222 -14.62 18.04 9.56
CA ARG A 222 -14.12 18.71 10.77
C ARG A 222 -14.93 19.99 11.09
N GLU A 223 -15.21 20.22 12.37
CA GLU A 223 -15.94 21.37 12.87
C GLU A 223 -15.21 21.93 14.10
N THR A 224 -15.76 22.98 14.71
CA THR A 224 -15.17 23.60 15.89
C THR A 224 -15.34 22.71 17.11
N CYS A 225 -14.29 22.67 17.94
CA CYS A 225 -14.27 21.95 19.19
C CYS A 225 -15.30 22.58 20.12
N ASP A 226 -16.45 21.89 20.28
CA ASP A 226 -17.58 22.25 21.12
C ASP A 226 -17.48 21.52 22.46
N LYS A 227 -17.03 22.23 23.50
CA LYS A 227 -16.84 21.68 24.85
C LYS A 227 -18.16 21.41 25.57
N ALA A 228 -19.27 21.98 25.04
CA ALA A 228 -20.63 21.83 25.56
C ALA A 228 -21.29 20.49 25.17
N LYS A 229 -20.64 19.74 24.23
CA LYS A 229 -21.07 18.41 23.77
C LYS A 229 -20.22 17.36 24.49
N ILE A 230 -19.12 17.79 25.13
CA ILE A 230 -18.21 16.91 25.87
C ILE A 230 -18.70 16.74 27.33
N LYS A 231 -19.44 15.63 27.58
CA LYS A 231 -20.00 15.24 28.88
C LYS A 231 -20.15 13.71 28.94
N ASP A 232 -20.34 13.12 30.16
CA ASP A 232 -20.45 11.67 30.44
C ASP A 232 -19.22 10.95 29.86
N VAL A 233 -18.06 11.57 30.09
CA VAL A 233 -16.78 11.16 29.54
C VAL A 233 -16.21 9.86 30.06
N LEU A 234 -15.52 9.17 29.19
CA LEU A 234 -14.76 8.01 29.56
C LEU A 234 -13.34 8.53 29.73
N LYS A 235 -12.82 8.37 30.93
CA LYS A 235 -11.45 8.72 31.27
C LYS A 235 -10.68 7.41 31.22
N ILE A 236 -9.43 7.44 30.70
CA ILE A 236 -8.55 6.27 30.61
C ILE A 236 -7.33 6.50 31.49
N ASP A 237 -6.74 5.44 31.98
CA ASP A 237 -5.56 5.50 32.86
C ASP A 237 -4.25 5.70 32.09
N GLY A 238 -4.18 5.15 30.89
CA GLY A 238 -3.00 5.24 30.04
C GLY A 238 -3.27 4.77 28.63
N ARG A 239 -2.20 4.59 27.86
CA ARG A 239 -2.16 4.05 26.49
C ARG A 239 -0.83 3.39 26.27
N GLN A 240 -0.81 2.36 25.44
CA GLN A 240 0.41 1.66 25.12
C GLN A 240 0.35 1.22 23.66
N ASN A 241 1.52 1.00 23.07
CA ASN A 241 1.66 0.47 21.73
C ASN A 241 2.01 -1.00 21.89
N VAL A 242 1.46 -1.82 21.00
CA VAL A 242 1.77 -3.24 20.95
C VAL A 242 3.16 -3.32 20.27
N PRO A 243 4.14 -4.10 20.80
CA PRO A 243 5.43 -4.23 20.08
C PRO A 243 5.20 -4.60 18.60
N GLY A 244 5.71 -3.76 17.71
CA GLY A 244 5.55 -3.92 16.27
C GLY A 244 6.21 -5.14 15.70
N LEU A 245 5.72 -5.59 14.51
CA LEU A 245 6.21 -6.75 13.75
C LEU A 245 6.21 -8.05 14.60
N ASP A 246 5.15 -8.21 15.39
CA ASP A 246 4.94 -9.35 16.28
C ASP A 246 3.43 -9.59 16.36
N GLU A 247 2.94 -10.59 15.55
CA GLU A 247 1.53 -10.92 15.47
C GLU A 247 1.07 -11.71 16.68
N GLU A 248 2.03 -12.24 17.45
CA GLU A 248 1.77 -12.97 18.68
C GLU A 248 1.56 -11.96 19.83
N ALA A 249 2.36 -10.87 19.83
CA ALA A 249 2.23 -9.78 20.79
C ALA A 249 0.86 -9.14 20.58
N LEU A 250 0.44 -9.02 19.30
CA LEU A 250 -0.85 -8.48 18.88
C LEU A 250 -1.99 -9.41 19.31
N ARG A 251 -1.80 -10.74 19.20
CA ARG A 251 -2.77 -11.77 19.59
C ARG A 251 -2.99 -11.68 21.11
N LYS A 252 -1.89 -11.51 21.90
CA LYS A 252 -1.89 -11.36 23.36
C LYS A 252 -2.67 -10.12 23.81
N ALA A 253 -2.54 -8.99 23.09
CA ALA A 253 -3.29 -7.77 23.39
C ALA A 253 -4.79 -7.94 23.04
N VAL A 254 -5.10 -8.43 21.82
CA VAL A 254 -6.48 -8.63 21.34
C VAL A 254 -7.26 -9.56 22.28
N ALA A 255 -6.57 -10.54 22.88
CA ALA A 255 -7.16 -11.50 23.83
C ALA A 255 -7.71 -10.82 25.12
N HIS A 256 -7.22 -9.61 25.41
CA HIS A 256 -7.63 -8.83 26.56
C HIS A 256 -8.59 -7.69 26.28
N GLN A 257 -8.47 -7.09 25.11
CA GLN A 257 -9.28 -5.93 24.66
C GLN A 257 -9.11 -5.67 23.15
N PRO A 258 -10.13 -5.09 22.44
CA PRO A 258 -9.93 -4.72 21.04
C PRO A 258 -8.78 -3.71 20.88
N VAL A 259 -7.99 -3.89 19.81
CA VAL A 259 -6.78 -3.14 19.50
C VAL A 259 -6.98 -2.26 18.25
N ALA A 260 -6.47 -1.03 18.29
CA ALA A 260 -6.51 -0.10 17.17
C ALA A 260 -5.19 -0.30 16.37
N THR A 261 -5.28 -0.37 15.05
CA THR A 261 -4.12 -0.57 14.18
C THR A 261 -4.41 -0.03 12.78
N GLY A 262 -3.35 0.24 12.05
CA GLY A 262 -3.48 0.68 10.67
C GLY A 262 -3.36 -0.47 9.71
N ILE A 263 -3.85 -0.29 8.47
CA ILE A 263 -3.77 -1.25 7.36
C ILE A 263 -3.80 -0.61 6.02
N GLN A 264 -3.27 -1.33 5.01
CA GLN A 264 -3.40 -0.81 3.68
C GLN A 264 -4.60 -1.42 3.03
N LEU A 265 -5.72 -0.70 3.00
CA LEU A 265 -6.91 -1.20 2.31
C LEU A 265 -7.04 -0.70 0.85
N SER A 266 -5.91 -0.65 0.16
CA SER A 266 -5.87 -0.26 -1.25
C SER A 266 -6.14 -1.49 -2.10
N GLY A 267 -6.50 -1.31 -3.36
CA GLY A 267 -6.77 -2.45 -4.26
C GLY A 267 -8.22 -2.87 -4.37
N HIS A 268 -8.57 -3.35 -5.58
CA HIS A 268 -9.89 -3.85 -6.02
C HIS A 268 -10.47 -4.90 -5.06
N GLY A 269 -9.65 -5.86 -4.67
CA GLY A 269 -10.03 -6.97 -3.82
C GLY A 269 -10.47 -6.56 -2.43
N LEU A 270 -9.98 -5.41 -1.95
CA LEU A 270 -10.37 -4.90 -0.65
C LEU A 270 -11.54 -3.97 -0.79
N GLN A 271 -11.64 -3.29 -1.93
CA GLN A 271 -12.76 -2.41 -2.25
C GLN A 271 -14.03 -3.24 -2.38
N PHE A 272 -13.92 -4.50 -2.92
CA PHE A 272 -15.06 -5.41 -3.11
C PHE A 272 -15.12 -6.61 -2.20
N TYR A 273 -14.24 -6.70 -1.18
CA TYR A 273 -14.26 -7.84 -0.25
C TYR A 273 -15.68 -8.05 0.30
N SER A 274 -16.10 -9.32 0.34
CA SER A 274 -17.44 -9.72 0.79
C SER A 274 -17.39 -10.78 1.91
N GLU A 275 -16.62 -11.85 1.71
CA GLU A 275 -16.57 -12.93 2.68
C GLU A 275 -15.35 -13.79 2.58
N GLY A 276 -15.08 -14.52 3.64
CA GLY A 276 -13.93 -15.39 3.71
C GLY A 276 -12.75 -14.73 4.36
N VAL A 277 -11.57 -15.37 4.29
CA VAL A 277 -10.34 -14.79 4.84
C VAL A 277 -9.59 -14.11 3.67
N TYR A 278 -9.32 -12.80 3.80
CA TYR A 278 -8.56 -12.10 2.79
C TYR A 278 -7.10 -12.50 2.94
N THR A 279 -6.59 -13.22 1.94
CA THR A 279 -5.22 -13.70 1.85
C THR A 279 -4.51 -13.06 0.65
N GLY A 280 -5.24 -12.21 -0.09
CA GLY A 280 -4.78 -11.55 -1.31
C GLY A 280 -3.61 -10.62 -1.10
N ASP A 281 -3.15 -10.00 -2.18
CA ASP A 281 -2.03 -9.05 -2.16
C ASP A 281 -2.43 -7.73 -1.56
N CYS A 282 -1.49 -7.12 -0.86
CA CYS A 282 -1.60 -5.79 -0.27
C CYS A 282 -0.24 -5.31 0.06
N GLY A 283 -0.10 -4.00 0.02
CA GLY A 283 1.13 -3.32 0.36
C GLY A 283 1.22 -3.26 1.86
N THR A 284 2.36 -2.79 2.37
CA THR A 284 2.58 -2.67 3.81
C THR A 284 2.75 -1.23 4.24
N GLU A 285 1.94 -0.32 3.70
CA GLU A 285 1.98 1.07 4.06
C GLU A 285 0.60 1.40 4.56
N PRO A 286 0.34 1.24 5.86
CA PRO A 286 -1.02 1.52 6.35
C PRO A 286 -1.59 2.87 5.93
N ASN A 287 -2.85 2.91 5.52
CA ASN A 287 -3.52 4.15 5.14
C ASN A 287 -4.89 4.31 5.81
N HIS A 288 -5.36 3.27 6.46
CA HIS A 288 -6.66 3.21 7.09
C HIS A 288 -6.56 2.52 8.51
N GLY A 289 -7.17 3.17 9.49
CA GLY A 289 -7.21 2.68 10.86
C GLY A 289 -8.40 1.78 10.99
N VAL A 290 -8.22 0.72 11.73
CA VAL A 290 -9.25 -0.28 11.99
C VAL A 290 -9.12 -0.80 13.44
N GLY A 291 -10.16 -1.46 13.91
CA GLY A 291 -10.15 -2.08 15.21
C GLY A 291 -10.15 -3.58 15.06
N ILE A 292 -9.14 -4.26 15.65
CA ILE A 292 -9.10 -5.72 15.69
C ILE A 292 -9.98 -6.14 16.88
N VAL A 293 -11.06 -6.87 16.61
CA VAL A 293 -12.01 -7.30 17.64
C VAL A 293 -11.91 -8.76 17.97
N GLY A 294 -11.10 -9.48 17.22
CA GLY A 294 -10.93 -10.92 17.44
C GLY A 294 -9.97 -11.60 16.51
N TYR A 295 -9.90 -12.91 16.64
CA TYR A 295 -9.04 -13.78 15.85
C TYR A 295 -9.52 -15.21 15.96
N GLY A 296 -9.04 -16.05 15.06
CA GLY A 296 -9.35 -17.47 15.03
C GLY A 296 -8.69 -18.14 13.86
N GLU A 297 -9.22 -19.31 13.48
CA GLU A 297 -8.73 -20.08 12.35
C GLU A 297 -9.89 -20.84 11.72
N ASN A 298 -10.15 -20.66 10.43
CA ASN A 298 -11.26 -21.33 9.76
C ASN A 298 -11.01 -22.83 9.53
N GLU A 299 -12.08 -23.54 9.10
CA GLU A 299 -12.10 -24.98 8.78
C GLU A 299 -11.02 -25.42 7.79
N LYS A 300 -10.55 -24.52 6.90
CA LYS A 300 -9.52 -24.82 5.89
C LYS A 300 -8.09 -24.57 6.42
N GLY A 301 -7.98 -24.22 7.70
CA GLY A 301 -6.73 -24.00 8.40
C GLY A 301 -6.16 -22.59 8.32
N ILE A 302 -6.92 -21.65 7.79
CA ILE A 302 -6.43 -20.27 7.65
C ILE A 302 -6.65 -19.44 8.92
N LYS A 303 -5.54 -18.98 9.53
CA LYS A 303 -5.56 -18.14 10.72
C LYS A 303 -5.98 -16.75 10.29
N PHE A 304 -6.83 -16.08 11.07
CA PHE A 304 -7.30 -14.75 10.72
C PHE A 304 -7.44 -13.77 11.90
N TRP A 305 -7.67 -12.50 11.57
CA TRP A 305 -7.96 -11.38 12.46
C TRP A 305 -9.36 -10.98 12.07
N THR A 306 -10.24 -10.71 13.05
CA THR A 306 -11.57 -10.18 12.76
C THR A 306 -11.41 -8.68 12.95
N VAL A 307 -11.52 -7.96 11.84
CA VAL A 307 -11.30 -6.52 11.82
C VAL A 307 -12.63 -5.78 11.62
N LYS A 308 -12.91 -4.78 12.46
CA LYS A 308 -14.08 -3.92 12.32
C LYS A 308 -13.69 -2.70 11.45
N ASN A 309 -14.39 -2.52 10.32
CA ASN A 309 -14.17 -1.39 9.44
C ASN A 309 -15.23 -0.31 9.70
N SER A 310 -14.98 0.88 9.10
CA SER A 310 -15.84 2.06 9.20
C SER A 310 -16.42 2.37 7.81
N TRP A 311 -16.80 1.33 7.05
CA TRP A 311 -17.34 1.54 5.70
C TRP A 311 -18.77 1.07 5.62
N GLY A 312 -19.44 1.05 6.77
CA GLY A 312 -20.83 0.65 6.91
C GLY A 312 -21.02 -0.86 6.87
N PRO A 313 -22.23 -1.35 7.23
CA PRO A 313 -22.46 -2.81 7.22
C PRO A 313 -22.62 -3.41 5.81
N THR A 314 -22.73 -2.53 4.82
CA THR A 314 -22.90 -2.80 3.41
C THR A 314 -21.61 -3.36 2.76
N TRP A 315 -20.45 -3.19 3.42
CA TRP A 315 -19.12 -3.61 2.95
C TRP A 315 -18.66 -4.85 3.72
N GLY A 316 -17.93 -5.73 3.03
CA GLY A 316 -17.39 -6.95 3.60
C GLY A 316 -18.42 -7.86 4.21
N GLU A 317 -18.05 -8.50 5.32
CA GLU A 317 -18.90 -9.42 6.05
C GLU A 317 -19.64 -8.66 7.16
N LYS A 318 -20.74 -7.95 6.76
CA LYS A 318 -21.60 -7.10 7.61
C LYS A 318 -20.79 -5.95 8.25
N GLY A 319 -19.80 -5.45 7.53
CA GLY A 319 -18.94 -4.37 7.98
C GLY A 319 -17.55 -4.80 8.43
N TYR A 320 -17.34 -6.13 8.49
CA TYR A 320 -16.09 -6.77 8.95
C TYR A 320 -15.27 -7.37 7.86
N ILE A 321 -13.98 -7.58 8.18
CA ILE A 321 -13.03 -8.26 7.32
C ILE A 321 -12.23 -9.25 8.12
N HIS A 322 -12.24 -10.51 7.70
CA HIS A 322 -11.39 -11.52 8.30
C HIS A 322 -10.13 -11.47 7.46
N LEU A 323 -9.12 -10.87 8.04
CA LEU A 323 -7.85 -10.66 7.39
C LEU A 323 -6.92 -11.74 7.87
N GLN A 324 -6.03 -12.25 6.98
CA GLN A 324 -5.12 -13.34 7.30
C GLN A 324 -4.19 -13.00 8.43
N ARG A 325 -4.03 -13.95 9.36
CA ARG A 325 -3.18 -13.79 10.52
C ARG A 325 -1.96 -14.72 10.42
N GLY A 326 -0.82 -14.20 10.81
CA GLY A 326 0.45 -14.93 10.77
C GLY A 326 1.11 -15.02 9.42
N ALA A 327 0.66 -14.20 8.44
CA ALA A 327 1.14 -14.21 7.06
C ALA A 327 2.48 -13.55 6.73
N ARG A 328 2.77 -12.39 7.35
CA ARG A 328 4.01 -11.61 7.14
C ARG A 328 4.49 -11.11 8.49
N LYS A 329 5.79 -10.79 8.63
CA LYS A 329 6.36 -10.24 9.89
C LYS A 329 5.60 -8.99 10.35
N GLU A 330 5.25 -8.11 9.37
CA GLU A 330 4.49 -6.86 9.52
C GLU A 330 2.98 -7.12 9.51
N GLY A 331 2.58 -8.36 9.25
CA GLY A 331 1.19 -8.77 9.13
C GLY A 331 0.69 -8.40 7.75
N LEU A 332 -0.30 -9.11 7.23
CA LEU A 332 -0.89 -8.81 5.94
C LEU A 332 -1.46 -7.39 5.97
N CYS A 333 -1.14 -6.58 4.94
CA CYS A 333 -1.54 -5.18 4.81
C CYS A 333 -0.94 -4.27 5.89
N GLY A 334 0.08 -4.73 6.59
CA GLY A 334 0.74 -3.98 7.64
C GLY A 334 -0.07 -3.85 8.91
N VAL A 335 -0.92 -4.85 9.20
CA VAL A 335 -1.75 -4.91 10.42
C VAL A 335 -0.93 -4.89 11.72
N ALA A 336 0.25 -5.54 11.73
CA ALA A 336 1.15 -5.67 12.87
C ALA A 336 2.27 -4.65 12.81
N MET A 337 1.99 -3.49 12.26
CA MET A 337 3.03 -2.48 12.15
C MET A 337 2.93 -1.47 13.24
N HIS A 338 1.78 -0.77 13.28
CA HIS A 338 1.47 0.30 14.22
C HIS A 338 0.11 0.05 14.91
N SER A 339 0.11 -0.79 15.95
CA SER A 339 -1.06 -1.14 16.75
C SER A 339 -0.89 -0.62 18.19
N SER A 340 -1.99 -0.19 18.82
CA SER A 340 -2.03 0.42 20.16
C SER A 340 -3.41 0.27 20.81
N PHE A 341 -3.49 0.53 22.13
CA PHE A 341 -4.74 0.35 22.88
C PHE A 341 -4.82 1.31 24.09
N PRO A 342 -6.03 1.71 24.52
CA PRO A 342 -6.14 2.53 25.74
C PRO A 342 -6.10 1.63 26.98
N ILE A 343 -5.49 2.10 28.06
CA ILE A 343 -5.40 1.32 29.28
C ILE A 343 -6.36 1.82 30.38
N MET A 344 -7.11 0.88 30.91
CA MET A 344 -8.01 1.08 32.03
C MET A 344 -7.53 0.03 33.02
N ASN A 345 -6.74 0.45 34.03
CA ASN A 345 -6.09 -0.38 35.05
C ASN A 345 -7.01 -1.47 35.61
N ASP A 346 -6.56 -2.74 35.58
CA ASP A 346 -7.39 -3.85 36.04
C ASP A 346 -7.66 -3.78 37.55
N PRO A 347 -8.94 -3.67 37.96
CA PRO A 347 -9.24 -3.59 39.39
C PRO A 347 -8.94 -4.90 40.16
N ASN A 348 -9.14 -6.06 39.50
CA ASN A 348 -8.85 -7.38 40.04
C ASN A 348 -7.83 -8.12 39.16
N PRO A 349 -6.50 -7.89 39.37
CA PRO A 349 -5.50 -8.57 38.52
C PRO A 349 -5.28 -10.06 38.87
N PRO A 350 -5.18 -10.97 37.86
CA PRO A 350 -5.00 -12.42 38.14
C PRO A 350 -3.62 -12.84 38.70
N LYS A 351 -3.48 -13.94 39.52
CA LYS A 351 -4.47 -14.88 40.11
C LYS A 351 -3.76 -15.74 41.17
N PRO A 354 0.88 -19.49 37.03
CA PRO A 354 -0.49 -19.31 37.55
C PRO A 354 -1.26 -20.63 37.65
N ASN A 355 -1.12 -21.38 38.77
CA ASN A 355 -0.29 -21.08 39.96
C ASN A 355 1.10 -21.76 39.88
N GLY A 356 2.15 -20.93 39.81
CA GLY A 356 3.55 -21.34 39.71
C GLY A 356 4.21 -20.83 38.44
N PRO A 357 5.50 -20.34 38.48
CA PRO A 357 6.46 -20.31 39.60
C PRO A 357 6.23 -19.30 40.72
N LYS A 358 6.95 -19.51 41.84
CA LYS A 358 6.91 -18.67 43.05
C LYS A 358 7.25 -17.23 42.72
N ASP A 359 6.66 -16.27 43.45
CA ASP A 359 6.97 -14.87 43.26
C ASP A 359 8.41 -14.64 43.78
N ASP A 360 9.37 -14.58 42.83
CA ASP A 360 10.82 -14.41 43.06
C ASP A 360 11.19 -13.08 43.78
N PRO A 361 11.71 -13.15 45.04
CA PRO A 361 12.06 -11.91 45.77
C PRO A 361 13.29 -11.23 45.17
N ASP A 362 14.18 -12.05 44.57
CA ASP A 362 15.42 -11.63 43.93
C ASP A 362 15.18 -11.11 42.50
N ALA A 363 13.94 -11.27 41.95
CA ALA A 363 13.55 -10.82 40.61
C ALA A 363 13.64 -9.29 40.52
N PRO A 364 14.50 -8.74 39.63
CA PRO A 364 14.69 -7.28 39.60
C PRO A 364 13.50 -6.48 39.09
N LYS A 365 13.37 -5.24 39.60
CA LYS A 365 12.34 -4.31 39.14
C LYS A 365 12.74 -3.90 37.69
N ASP A 366 14.06 -3.73 37.44
CA ASP A 366 14.63 -3.48 36.11
C ASP A 366 15.59 -4.63 35.71
N PRO A 367 15.17 -5.46 34.71
CA PRO A 367 16.01 -6.60 34.27
C PRO A 367 17.34 -6.23 33.57
N LYS A 368 17.47 -4.97 33.14
CA LYS A 368 18.69 -4.47 32.51
C LYS A 368 19.59 -3.89 33.59
N PHE A 369 19.09 -3.79 34.84
CA PHE A 369 19.79 -3.25 36.03
C PHE A 369 20.46 -1.88 35.78
N LYS A 370 19.82 -1.04 34.93
CA LYS A 370 20.30 0.29 34.51
C LYS A 370 19.54 1.36 35.32
N THR A 371 18.18 1.25 35.32
CA THR A 371 17.25 2.16 35.98
C THR A 371 17.24 2.02 37.49
N THR A 372 17.22 0.75 37.96
CA THR A 372 17.20 0.41 39.38
C THR A 372 17.86 -0.94 39.65
N GLN A 373 18.46 -1.03 40.85
CA GLN A 373 19.12 -2.20 41.42
C GLN A 373 18.17 -2.93 42.36
N ARG A 374 16.99 -2.33 42.58
CA ARG A 374 15.98 -2.88 43.47
C ARG A 374 15.33 -4.10 42.90
N LEU A 375 15.11 -5.05 43.78
CA LEU A 375 14.47 -6.31 43.44
C LEU A 375 13.04 -6.29 43.95
N GLN A 376 12.19 -7.20 43.44
CA GLN A 376 10.77 -7.25 43.79
C GLN A 376 10.43 -7.56 45.24
N GLY A 377 11.30 -8.31 45.91
CA GLY A 377 11.13 -8.61 47.32
C GLY A 377 12.35 -8.39 48.19
N ILE A 378 12.20 -8.72 49.46
CA ILE A 378 13.24 -8.63 50.47
C ILE A 378 13.47 -10.04 51.06
N ARG A 379 14.75 -10.36 51.41
CA ARG A 379 15.20 -11.65 51.96
C ARG A 379 14.97 -11.73 53.43
N THR A 380 14.55 -12.92 53.84
CA THR A 380 14.22 -13.21 55.22
C THR A 380 15.36 -13.94 55.91
N LYS A 381 16.01 -14.87 55.16
CA LYS A 381 17.15 -15.69 55.65
C LYS A 381 18.42 -14.86 55.49
N LEU A 382 18.95 -14.38 56.65
CA LEU A 382 20.08 -13.45 56.75
C LEU A 382 21.29 -13.93 57.54
N LEU A 383 22.45 -13.85 56.88
CA LEU A 383 23.78 -14.16 57.41
C LEU A 383 24.49 -12.84 57.85
N GLU A 384 25.41 -12.87 58.87
CA GLU A 384 26.20 -11.69 59.18
C GLU A 384 27.30 -11.61 58.10
N LEU A 385 26.92 -10.98 56.96
CA LEU A 385 27.54 -10.76 55.65
C LEU A 385 26.89 -11.69 54.56
N HIS B 20 26.81 7.00 -5.79
CA HIS B 20 26.81 5.58 -6.13
C HIS B 20 26.11 4.73 -5.05
N MET B 21 26.69 4.74 -3.83
CA MET B 21 26.24 3.95 -2.66
C MET B 21 26.41 4.71 -1.34
N PHE B 22 25.40 4.66 -0.45
CA PHE B 22 25.49 5.33 0.85
C PHE B 22 25.70 4.34 1.97
N HIS B 23 26.92 4.39 2.59
CA HIS B 23 27.31 3.49 3.66
C HIS B 23 27.16 4.09 5.05
N TYR B 24 26.85 3.21 6.02
CA TYR B 24 26.70 3.50 7.45
C TYR B 24 27.02 2.24 8.26
N HIS B 25 27.26 2.42 9.58
CA HIS B 25 27.53 1.33 10.53
C HIS B 25 26.35 1.21 11.49
N GLU B 26 26.05 -0.02 11.92
CA GLU B 26 24.97 -0.38 12.84
C GLU B 26 24.88 0.50 14.11
N ARG B 27 26.03 0.78 14.81
CA ARG B 27 26.06 1.56 16.07
C ARG B 27 25.56 3.00 16.02
N GLU B 28 25.47 3.58 14.82
CA GLU B 28 24.97 4.94 14.58
C GLU B 28 23.48 5.04 14.87
N LEU B 29 22.76 3.91 14.71
CA LEU B 29 21.33 3.81 14.93
C LEU B 29 20.98 3.71 16.42
N GLU B 30 21.98 3.34 17.25
CA GLU B 30 21.82 3.20 18.69
C GLU B 30 21.60 4.50 19.47
N SER B 31 22.17 5.62 18.98
CA SER B 31 22.06 6.93 19.65
C SER B 31 21.52 8.01 18.72
N GLU B 32 20.82 9.01 19.29
CA GLU B 32 20.28 10.17 18.58
C GLU B 32 21.38 11.04 17.98
N GLU B 33 22.53 11.09 18.67
CA GLU B 33 23.72 11.83 18.27
C GLU B 33 24.34 11.19 17.04
N GLY B 34 24.38 9.85 17.04
CA GLY B 34 24.91 9.05 15.95
C GLY B 34 24.03 9.12 14.73
N PHE B 35 22.69 9.06 14.94
CA PHE B 35 21.68 9.11 13.87
C PHE B 35 21.67 10.48 13.22
N MET B 36 21.80 11.54 14.05
CA MET B 36 21.84 12.92 13.56
C MET B 36 23.07 13.14 12.68
N GLY B 37 24.17 12.52 13.08
CA GLY B 37 25.44 12.55 12.36
C GLY B 37 25.30 11.91 10.99
N MET B 38 24.69 10.70 10.96
CA MET B 38 24.40 9.90 9.76
C MET B 38 23.48 10.68 8.78
N TYR B 39 22.48 11.39 9.34
CA TYR B 39 21.52 12.22 8.60
C TYR B 39 22.20 13.41 7.94
N ASP B 40 23.12 14.07 8.66
CA ASP B 40 23.88 15.20 8.14
C ASP B 40 24.87 14.73 7.10
N ARG B 41 25.46 13.54 7.30
CA ARG B 41 26.41 12.95 6.35
C ARG B 41 25.63 12.58 5.06
N TRP B 42 24.36 12.10 5.23
CA TRP B 42 23.44 11.76 4.14
C TRP B 42 23.03 13.01 3.35
N ARG B 43 22.81 14.14 4.03
CA ARG B 43 22.46 15.40 3.38
C ARG B 43 23.66 15.89 2.54
N GLU B 44 24.89 15.88 3.14
CA GLU B 44 26.18 16.28 2.55
C GLU B 44 26.52 15.43 1.32
N GLN B 45 26.14 14.13 1.36
CA GLN B 45 26.41 13.21 0.27
C GLN B 45 25.43 13.36 -0.89
N HIS B 46 24.15 13.69 -0.59
CA HIS B 46 23.10 13.82 -1.61
C HIS B 46 22.66 15.26 -1.94
N ASN B 47 23.37 16.26 -1.34
CA ASN B 47 23.12 17.70 -1.51
C ASN B 47 21.67 18.12 -1.14
N ILE B 48 21.22 17.73 0.06
CA ILE B 48 19.92 18.09 0.61
C ILE B 48 20.14 19.34 1.43
N GLU B 49 19.56 20.47 0.99
CA GLU B 49 19.76 21.72 1.73
C GLU B 49 18.56 22.10 2.61
N MET B 50 17.97 21.10 3.25
CA MET B 50 16.83 21.24 4.14
C MET B 50 17.04 20.33 5.35
N ARG B 51 17.23 20.93 6.52
CA ARG B 51 17.44 20.17 7.74
C ARG B 51 16.34 20.52 8.69
N SER B 52 15.53 19.53 9.06
CA SER B 52 14.43 19.76 10.00
C SER B 52 14.18 18.55 10.90
N PRO B 53 13.68 18.75 12.15
CA PRO B 53 13.36 17.59 13.02
C PRO B 53 12.37 16.61 12.39
N GLU B 54 11.39 17.13 11.59
CA GLU B 54 10.40 16.35 10.85
C GLU B 54 11.09 15.46 9.84
N ARG B 55 11.95 16.06 8.97
CA ARG B 55 12.74 15.35 7.94
C ARG B 55 13.73 14.37 8.54
N PHE B 56 14.29 14.72 9.72
CA PHE B 56 15.21 13.84 10.47
C PHE B 56 14.43 12.64 10.96
N ASN B 57 13.18 12.86 11.40
CA ASN B 57 12.29 11.81 11.89
C ASN B 57 11.95 10.82 10.78
N VAL B 58 11.67 11.33 9.55
CA VAL B 58 11.37 10.53 8.34
C VAL B 58 12.58 9.69 7.97
N PHE B 59 13.78 10.30 8.06
CA PHE B 59 15.04 9.66 7.80
C PHE B 59 15.23 8.46 8.75
N LYS B 60 15.04 8.64 10.07
CA LYS B 60 15.17 7.53 11.03
C LYS B 60 14.14 6.46 10.72
N TYR B 61 12.90 6.87 10.33
CA TYR B 61 11.84 5.92 10.01
C TYR B 61 12.24 4.99 8.86
N ASN B 62 12.78 5.57 7.78
CA ASN B 62 13.18 4.81 6.58
C ASN B 62 14.44 4.04 6.81
N VAL B 63 15.42 4.67 7.47
CA VAL B 63 16.69 3.99 7.76
C VAL B 63 16.49 2.74 8.64
N ARG B 64 15.65 2.85 9.70
CA ARG B 64 15.39 1.71 10.59
C ARG B 64 14.72 0.58 9.81
N ARG B 65 13.79 0.94 8.93
CA ARG B 65 13.07 -0.02 8.10
C ARG B 65 13.97 -0.68 7.05
N ILE B 66 14.92 0.10 6.47
CA ILE B 66 15.99 -0.35 5.53
C ILE B 66 16.88 -1.35 6.29
N HIS B 67 17.39 -0.96 7.49
CA HIS B 67 18.25 -1.79 8.35
C HIS B 67 17.57 -3.07 8.75
N GLU B 68 16.29 -2.98 9.17
CA GLU B 68 15.51 -4.15 9.56
C GLU B 68 15.34 -5.13 8.38
N SER B 69 15.02 -4.62 7.20
CA SER B 69 14.83 -5.45 6.01
C SER B 69 16.10 -6.17 5.63
N ASN B 70 17.23 -5.45 5.52
CA ASN B 70 18.51 -6.03 5.15
C ASN B 70 19.02 -7.08 6.14
N LYS B 71 18.47 -7.09 7.38
CA LYS B 71 18.78 -8.07 8.44
C LYS B 71 18.11 -9.42 8.13
N MET B 72 16.98 -9.38 7.40
CA MET B 72 16.20 -10.54 6.99
C MET B 72 16.87 -11.31 5.84
N ASP B 73 16.44 -12.57 5.62
CA ASP B 73 16.94 -13.45 4.56
C ASP B 73 16.07 -13.20 3.32
N LYS B 74 16.38 -12.11 2.62
CA LYS B 74 15.61 -11.68 1.47
C LYS B 74 16.37 -11.78 0.15
N PRO B 75 15.64 -12.06 -0.97
CA PRO B 75 16.28 -12.12 -2.29
C PRO B 75 16.68 -10.75 -2.79
N TYR B 76 16.29 -9.70 -2.05
CA TYR B 76 16.58 -8.32 -2.40
C TYR B 76 17.17 -7.49 -1.23
N LYS B 77 17.85 -6.37 -1.59
CA LYS B 77 18.46 -5.45 -0.64
C LYS B 77 17.96 -4.01 -0.85
N LEU B 78 17.94 -3.22 0.22
CA LEU B 78 17.51 -1.84 0.14
C LEU B 78 18.71 -0.94 0.47
N LYS B 79 18.70 0.31 -0.02
CA LYS B 79 19.78 1.25 0.22
C LYS B 79 19.25 2.59 0.67
N VAL B 80 20.08 3.37 1.39
CA VAL B 80 19.70 4.71 1.83
C VAL B 80 20.00 5.64 0.65
N ASN B 81 19.04 5.80 -0.26
CA ASN B 81 19.20 6.65 -1.42
C ASN B 81 18.84 8.11 -1.08
N GLU B 82 18.67 8.96 -2.11
CA GLU B 82 18.33 10.38 -2.01
C GLU B 82 16.89 10.66 -1.47
N PHE B 83 16.00 9.64 -1.53
CA PHE B 83 14.59 9.69 -1.09
C PHE B 83 14.37 9.32 0.39
N ALA B 84 15.46 9.17 1.15
CA ALA B 84 15.43 8.79 2.55
C ALA B 84 14.68 9.75 3.45
N ASP B 85 14.61 11.05 3.08
CA ASP B 85 13.88 12.08 3.85
C ASP B 85 12.40 12.22 3.45
N MET B 86 11.99 11.52 2.40
CA MET B 86 10.63 11.59 1.90
C MET B 86 9.82 10.47 2.47
N THR B 87 8.57 10.73 2.86
CA THR B 87 7.68 9.64 3.31
C THR B 87 7.28 8.93 2.04
N ASN B 88 6.89 7.64 2.14
CA ASN B 88 6.47 6.91 0.94
C ASN B 88 5.27 7.57 0.29
N LEU B 89 4.37 8.17 1.08
CA LEU B 89 3.22 8.88 0.53
C LEU B 89 3.74 10.04 -0.28
N GLU B 90 4.72 10.78 0.23
CA GLU B 90 5.33 11.92 -0.49
C GLU B 90 6.02 11.46 -1.76
N PHE B 91 6.86 10.40 -1.68
CA PHE B 91 7.61 9.85 -2.82
C PHE B 91 6.69 9.37 -3.95
N VAL B 92 5.75 8.47 -3.65
CA VAL B 92 4.79 7.94 -4.61
C VAL B 92 3.99 9.07 -5.31
N ASN B 93 3.48 10.03 -4.55
CA ASN B 93 2.74 11.14 -5.08
C ASN B 93 3.57 12.14 -5.92
N THR B 94 4.91 12.03 -5.85
CA THR B 94 5.81 12.86 -6.64
C THR B 94 6.28 12.06 -7.86
N TYR B 95 6.67 10.78 -7.65
CA TYR B 95 7.24 9.91 -8.69
C TYR B 95 6.42 8.78 -9.25
N ALA B 96 5.32 8.38 -8.62
CA ALA B 96 4.56 7.21 -9.10
C ALA B 96 3.09 7.47 -9.35
N ASN B 97 2.72 8.73 -9.60
CA ASN B 97 1.32 9.10 -9.79
C ASN B 97 0.82 9.29 -11.25
N SER B 98 0.88 8.24 -12.07
CA SER B 98 0.39 8.34 -13.45
C SER B 98 -1.02 7.79 -13.62
N LYS B 99 -1.63 7.30 -12.54
CA LYS B 99 -3.02 6.83 -12.52
C LYS B 99 -3.38 5.85 -13.64
N ILE B 100 -2.49 4.90 -13.99
CA ILE B 100 -2.74 3.93 -15.05
C ILE B 100 -3.99 3.08 -14.79
N SER B 101 -4.08 2.43 -13.60
CA SER B 101 -5.24 1.59 -13.21
C SER B 101 -6.55 2.38 -13.29
N HIS B 102 -6.50 3.68 -12.85
CA HIS B 102 -7.58 4.65 -12.82
C HIS B 102 -8.10 4.93 -14.22
N PHE B 103 -7.22 5.41 -15.11
CA PHE B 103 -7.54 5.73 -16.48
C PHE B 103 -7.96 4.51 -17.27
N GLN B 104 -7.35 3.35 -16.97
CA GLN B 104 -7.77 2.08 -17.59
C GLN B 104 -9.24 1.75 -17.24
N ALA B 105 -9.69 2.02 -16.01
CA ALA B 105 -11.07 1.77 -15.61
C ALA B 105 -12.08 2.72 -16.31
N LEU B 106 -11.71 4.00 -16.47
CA LEU B 106 -12.56 5.04 -17.08
C LEU B 106 -12.70 4.87 -18.57
N ARG B 107 -11.60 4.54 -19.26
CA ARG B 107 -11.57 4.44 -20.71
C ARG B 107 -10.80 3.25 -21.20
N GLY B 108 -11.15 2.06 -20.72
CA GLY B 108 -10.45 0.85 -21.12
C GLY B 108 -11.06 -0.44 -20.64
N SER B 109 -10.47 -1.55 -21.14
CA SER B 109 -10.88 -2.94 -20.88
C SER B 109 -10.27 -3.47 -19.59
N ALA B 110 -10.96 -4.43 -18.94
CA ALA B 110 -10.51 -5.10 -17.72
C ALA B 110 -9.29 -5.96 -18.09
N PRO B 111 -8.31 -6.19 -17.17
CA PRO B 111 -7.16 -7.04 -17.55
C PRO B 111 -7.61 -8.43 -17.93
N GLY B 112 -7.06 -8.98 -19.00
CA GLY B 112 -7.48 -10.28 -19.49
C GLY B 112 -8.19 -10.08 -20.82
N SER B 113 -7.58 -9.09 -21.53
CA SER B 113 -7.82 -8.51 -22.84
C SER B 113 -6.52 -7.72 -23.18
N ASN B 119 -6.58 -14.22 -26.91
CA ASN B 119 -5.20 -14.56 -27.27
C ASN B 119 -5.01 -14.84 -28.82
N LYS B 120 -6.08 -14.74 -29.65
CA LYS B 120 -6.04 -15.05 -31.10
C LYS B 120 -5.37 -14.05 -32.08
N ASP B 121 -5.61 -12.72 -31.92
CA ASP B 121 -4.98 -11.71 -32.81
C ASP B 121 -3.53 -11.31 -32.42
N PHE B 122 -3.10 -11.62 -31.15
CA PHE B 122 -1.77 -11.38 -30.56
C PHE B 122 -0.67 -11.91 -31.46
N ILE B 123 0.20 -11.02 -31.96
CA ILE B 123 1.25 -11.32 -32.94
C ILE B 123 2.27 -12.38 -32.56
N TYR B 124 2.50 -12.58 -31.25
CA TYR B 124 3.48 -13.53 -30.74
C TYR B 124 2.87 -14.77 -30.15
N ALA B 125 1.53 -14.93 -30.30
CA ALA B 125 0.73 -16.05 -29.77
C ALA B 125 1.29 -17.40 -30.08
N ASN B 126 1.79 -17.58 -31.31
CA ASN B 126 2.26 -18.89 -31.77
C ASN B 126 3.77 -19.08 -31.92
N VAL B 127 4.59 -18.23 -31.27
CA VAL B 127 6.04 -18.43 -31.34
C VAL B 127 6.39 -19.63 -30.47
N THR B 128 7.40 -20.39 -30.92
CA THR B 128 7.81 -21.65 -30.29
C THR B 128 9.21 -21.63 -29.70
N LYS B 129 10.18 -21.08 -30.45
CA LYS B 129 11.58 -21.04 -30.04
C LYS B 129 11.90 -19.67 -29.47
N ILE B 130 11.89 -19.59 -28.14
CA ILE B 130 12.19 -18.34 -27.41
C ILE B 130 13.22 -18.56 -26.36
N PRO B 131 14.12 -17.58 -26.11
CA PRO B 131 15.17 -17.77 -25.11
C PRO B 131 14.67 -17.94 -23.68
N ASP B 132 15.47 -18.58 -22.85
CA ASP B 132 15.11 -18.76 -21.45
C ASP B 132 15.42 -17.49 -20.66
N LYS B 133 16.48 -16.76 -21.10
CA LYS B 133 16.97 -15.46 -20.60
C LYS B 133 17.00 -14.50 -21.78
N VAL B 134 16.48 -13.30 -21.58
CA VAL B 134 16.49 -12.17 -22.52
C VAL B 134 16.92 -10.93 -21.75
N ASP B 135 17.75 -10.11 -22.38
CA ASP B 135 18.18 -8.79 -21.87
C ASP B 135 18.47 -7.87 -23.06
N TRP B 136 17.48 -7.04 -23.43
CA TRP B 136 17.61 -6.12 -24.54
C TRP B 136 18.74 -5.08 -24.41
N ARG B 137 19.17 -4.78 -23.17
CA ARG B 137 20.31 -3.87 -22.88
C ARG B 137 21.61 -4.42 -23.51
N GLU B 138 21.74 -5.74 -23.62
CA GLU B 138 22.90 -6.43 -24.21
C GLU B 138 22.81 -6.49 -25.75
N LYS B 139 21.60 -6.34 -26.31
CA LYS B 139 21.36 -6.38 -27.76
C LYS B 139 21.18 -4.97 -28.31
N ASN B 140 21.83 -3.98 -27.62
CA ASN B 140 21.88 -2.53 -27.93
C ASN B 140 20.52 -1.90 -28.30
N ALA B 141 19.49 -2.25 -27.55
CA ALA B 141 18.12 -1.83 -27.84
C ALA B 141 17.51 -1.07 -26.66
N VAL B 142 18.36 -0.67 -25.70
CA VAL B 142 17.91 0.05 -24.49
C VAL B 142 18.76 1.28 -24.25
N THR B 143 18.13 2.46 -24.21
CA THR B 143 18.85 3.72 -23.94
C THR B 143 19.22 3.86 -22.46
N ASP B 144 19.87 4.97 -22.11
CA ASP B 144 20.23 5.25 -20.72
C ASP B 144 18.98 5.44 -19.87
N VAL B 145 19.15 5.26 -18.55
CA VAL B 145 18.09 5.48 -17.60
C VAL B 145 17.83 7.00 -17.53
N LYS B 146 16.55 7.35 -17.68
CA LYS B 146 16.00 8.70 -17.69
C LYS B 146 15.32 9.00 -16.37
N GLY B 147 15.07 10.29 -16.13
CA GLY B 147 14.37 10.78 -14.95
C GLY B 147 13.13 11.54 -15.35
N GLN B 148 11.97 11.20 -14.75
CA GLN B 148 10.71 11.86 -15.08
C GLN B 148 10.37 13.08 -14.22
N GLY B 149 10.92 13.13 -13.01
CA GLY B 149 10.62 14.22 -12.08
C GLY B 149 9.23 14.09 -11.48
N GLY B 150 8.71 15.23 -10.99
CA GLY B 150 7.41 15.34 -10.34
C GLY B 150 6.19 15.12 -11.21
N CYS B 151 6.42 14.93 -12.50
CA CYS B 151 5.42 14.72 -13.51
C CYS B 151 4.96 13.25 -13.52
N GLY B 152 3.67 13.04 -13.76
CA GLY B 152 3.05 11.73 -13.87
C GLY B 152 2.98 11.31 -15.32
N SER B 153 4.15 11.40 -16.01
CA SER B 153 4.42 11.11 -17.43
C SER B 153 4.96 9.69 -17.67
N CYS B 154 4.95 8.84 -16.65
CA CYS B 154 5.46 7.48 -16.74
C CYS B 154 4.79 6.60 -17.79
N TRP B 155 3.62 7.00 -18.31
CA TRP B 155 2.94 6.34 -19.42
C TRP B 155 3.70 6.68 -20.71
N ALA B 156 4.27 7.90 -20.80
CA ALA B 156 5.04 8.37 -21.94
C ALA B 156 6.39 7.68 -21.87
N PHE B 157 6.95 7.59 -20.65
CA PHE B 157 8.21 6.90 -20.40
C PHE B 157 8.11 5.41 -20.73
N ALA B 158 7.06 4.73 -20.29
CA ALA B 158 6.91 3.32 -20.63
C ALA B 158 6.78 3.12 -22.14
N ALA B 159 5.96 3.97 -22.79
CA ALA B 159 5.70 3.92 -24.24
C ALA B 159 6.98 4.15 -25.01
N VAL B 160 7.83 5.08 -24.54
CA VAL B 160 9.10 5.39 -25.20
C VAL B 160 10.16 4.28 -25.08
N VAL B 161 10.20 3.56 -23.95
CA VAL B 161 11.10 2.42 -23.75
C VAL B 161 10.78 1.39 -24.85
N ALA B 162 9.47 1.11 -25.05
CA ALA B 162 8.97 0.20 -26.07
C ALA B 162 9.27 0.72 -27.49
N LEU B 163 9.06 2.01 -27.73
CA LEU B 163 9.35 2.67 -29.02
C LEU B 163 10.84 2.66 -29.40
N GLU B 164 11.74 2.99 -28.44
CA GLU B 164 13.19 2.98 -28.62
C GLU B 164 13.68 1.58 -28.94
N GLY B 165 13.08 0.59 -28.26
CA GLY B 165 13.38 -0.82 -28.39
C GLY B 165 13.15 -1.36 -29.79
N ILE B 166 11.90 -1.24 -30.28
CA ILE B 166 11.56 -1.73 -31.62
C ILE B 166 12.33 -1.01 -32.74
N ASN B 167 12.58 0.30 -32.59
CA ASN B 167 13.37 1.02 -33.59
C ASN B 167 14.78 0.44 -33.66
N ALA B 168 15.43 0.28 -32.48
CA ALA B 168 16.79 -0.26 -32.37
C ALA B 168 16.88 -1.66 -32.97
N ILE B 169 15.83 -2.48 -32.74
CA ILE B 169 15.72 -3.87 -33.23
C ILE B 169 15.59 -3.89 -34.77
N ARG B 170 14.68 -3.05 -35.34
CA ARG B 170 14.38 -3.01 -36.78
C ARG B 170 15.39 -2.25 -37.62
N THR B 171 15.97 -1.17 -37.07
CA THR B 171 16.91 -0.34 -37.81
C THR B 171 18.37 -0.59 -37.46
N GLY B 172 18.62 -1.18 -36.29
CA GLY B 172 19.98 -1.42 -35.82
C GLY B 172 20.64 -0.18 -35.25
N LYS B 173 19.91 0.98 -35.25
CA LYS B 173 20.37 2.27 -34.71
C LYS B 173 19.63 2.56 -33.40
N LEU B 174 20.37 2.72 -32.28
CA LEU B 174 19.75 3.04 -30.99
C LEU B 174 19.52 4.55 -30.92
N VAL B 175 18.25 4.97 -30.86
CA VAL B 175 17.81 6.37 -30.85
C VAL B 175 16.84 6.61 -29.69
N LYS B 176 17.11 7.68 -28.90
CA LYS B 176 16.32 8.18 -27.77
C LYS B 176 15.12 8.96 -28.33
N PHE B 177 13.90 8.57 -27.94
CA PHE B 177 12.69 9.25 -28.42
C PHE B 177 12.08 10.24 -27.40
N SER B 178 11.12 11.09 -27.83
CA SER B 178 10.51 12.12 -26.99
C SER B 178 9.30 11.73 -26.16
N GLU B 179 9.46 11.70 -24.82
CA GLU B 179 8.35 11.50 -23.90
C GLU B 179 7.58 12.82 -23.87
N GLN B 180 8.32 13.96 -24.01
CA GLN B 180 7.79 15.31 -24.00
C GLN B 180 6.79 15.55 -25.13
N GLN B 181 7.02 14.97 -26.32
CA GLN B 181 6.09 15.13 -27.44
C GLN B 181 4.75 14.58 -26.96
N LEU B 182 4.74 13.33 -26.46
CA LEU B 182 3.57 12.63 -25.94
C LEU B 182 2.84 13.42 -24.85
N VAL B 183 3.61 13.99 -23.88
CA VAL B 183 3.05 14.78 -22.78
C VAL B 183 2.31 16.01 -23.33
N ASP B 184 2.96 16.78 -24.23
CA ASP B 184 2.39 17.99 -24.81
C ASP B 184 1.31 17.73 -25.84
N CYS B 185 1.58 16.86 -26.83
CA CYS B 185 0.76 16.57 -28.00
C CYS B 185 -0.35 15.52 -27.89
N ASP B 186 -0.16 14.48 -27.07
CA ASP B 186 -1.17 13.43 -26.95
C ASP B 186 -2.29 13.84 -26.03
N MET B 187 -3.34 14.41 -26.65
CA MET B 187 -4.52 14.97 -25.98
C MET B 187 -5.53 13.91 -25.53
N THR B 188 -5.33 12.64 -25.95
CA THR B 188 -6.15 11.50 -25.55
C THR B 188 -5.75 11.13 -24.11
N ASN B 189 -4.50 11.46 -23.74
CA ASN B 189 -3.95 11.25 -22.40
C ASN B 189 -3.93 12.59 -21.68
N ALA B 190 -3.74 12.57 -20.34
CA ALA B 190 -3.79 13.72 -19.42
C ALA B 190 -2.44 14.38 -19.01
N GLY B 191 -1.48 14.41 -19.94
CA GLY B 191 -0.16 15.01 -19.75
C GLY B 191 0.55 14.56 -18.49
N CYS B 192 0.82 15.50 -17.55
CA CYS B 192 1.49 15.21 -16.28
C CYS B 192 0.58 14.65 -15.20
N ASP B 193 -0.72 14.55 -15.48
CA ASP B 193 -1.68 13.98 -14.54
C ASP B 193 -1.84 12.48 -14.74
N GLY B 194 -1.24 11.96 -15.80
CA GLY B 194 -1.26 10.54 -16.12
C GLY B 194 -1.83 10.14 -17.46
N GLY B 195 -1.97 8.84 -17.62
CA GLY B 195 -2.50 8.27 -18.86
C GLY B 195 -2.10 6.84 -19.14
N LEU B 196 -2.52 6.34 -20.31
CA LEU B 196 -2.32 4.99 -20.78
C LEU B 196 -1.32 4.93 -21.93
N MET B 197 -0.47 3.87 -21.97
CA MET B 197 0.54 3.66 -23.00
C MET B 197 -0.05 3.28 -24.34
N GLU B 198 -1.10 2.42 -24.38
CA GLU B 198 -1.73 2.03 -25.66
C GLU B 198 -2.23 3.27 -26.47
N PRO B 199 -3.01 4.21 -25.88
CA PRO B 199 -3.39 5.43 -26.62
C PRO B 199 -2.20 6.30 -27.06
N ALA B 200 -1.06 6.14 -26.41
CA ALA B 200 0.15 6.86 -26.74
C ALA B 200 0.71 6.35 -28.08
N PHE B 201 0.67 5.03 -28.30
CA PHE B 201 1.12 4.44 -29.58
C PHE B 201 0.13 4.75 -30.70
N THR B 202 -1.18 4.84 -30.35
CA THR B 202 -2.28 5.21 -31.27
C THR B 202 -2.05 6.64 -31.73
N TYR B 203 -1.57 7.50 -30.80
CA TYR B 203 -1.20 8.88 -31.09
C TYR B 203 -0.06 8.87 -32.14
N VAL B 204 1.01 8.08 -31.90
CA VAL B 204 2.19 7.94 -32.78
C VAL B 204 1.80 7.47 -34.22
N ILE B 205 0.72 6.66 -34.33
CA ILE B 205 0.23 6.16 -35.61
C ILE B 205 -0.57 7.28 -36.30
N LYS B 206 -1.60 7.80 -35.60
CA LYS B 206 -2.53 8.83 -36.08
C LYS B 206 -1.90 10.21 -36.37
N HIS B 207 -0.86 10.60 -35.63
CA HIS B 207 -0.21 11.91 -35.78
C HIS B 207 1.17 11.92 -36.47
N GLY B 208 1.38 10.89 -37.29
CA GLY B 208 2.56 10.73 -38.14
C GLY B 208 3.91 10.49 -37.53
N GLY B 209 3.97 10.06 -36.27
CA GLY B 209 5.25 9.72 -35.65
C GLY B 209 5.78 10.49 -34.45
N ILE B 210 6.76 9.86 -33.79
CA ILE B 210 7.46 10.36 -32.61
C ILE B 210 8.90 10.79 -32.94
N ALA B 211 9.20 12.05 -32.63
CA ALA B 211 10.48 12.69 -32.85
C ALA B 211 11.54 12.24 -31.85
N PRO B 212 12.86 12.33 -32.18
CA PRO B 212 13.88 11.98 -31.18
C PRO B 212 13.92 13.00 -30.03
N GLU B 213 14.46 12.61 -28.86
CA GLU B 213 14.58 13.48 -27.69
C GLU B 213 15.43 14.74 -27.97
N ALA B 214 16.47 14.64 -28.84
CA ALA B 214 17.31 15.79 -29.16
C ALA B 214 16.47 16.88 -29.79
N SER B 215 15.49 16.49 -30.63
CA SER B 215 14.57 17.37 -31.33
C SER B 215 13.50 17.95 -30.39
N TYR B 216 12.89 17.08 -29.56
CA TYR B 216 11.87 17.50 -28.61
C TYR B 216 12.36 17.11 -27.19
N PRO B 217 13.18 17.98 -26.56
CA PRO B 217 13.74 17.65 -25.23
C PRO B 217 12.72 17.56 -24.11
N TYR B 218 13.09 16.86 -23.03
CA TYR B 218 12.21 16.68 -21.87
C TYR B 218 12.29 17.81 -20.88
N VAL B 219 11.13 18.31 -20.43
CA VAL B 219 11.08 19.40 -19.45
C VAL B 219 10.62 18.96 -18.07
N GLY B 220 9.67 18.04 -18.01
CA GLY B 220 9.15 17.53 -16.74
C GLY B 220 7.90 18.21 -16.24
N LYS B 221 7.24 18.97 -17.14
CA LYS B 221 6.02 19.75 -16.96
C LYS B 221 5.35 19.85 -18.36
N ARG B 222 4.00 19.78 -18.46
CA ARG B 222 3.31 19.91 -19.75
C ARG B 222 3.48 21.34 -20.34
N GLU B 223 3.71 21.40 -21.67
CA GLU B 223 3.88 22.64 -22.42
C GLU B 223 3.00 22.60 -23.68
N THR B 224 3.11 23.61 -24.54
CA THR B 224 2.36 23.70 -25.79
C THR B 224 2.95 22.73 -26.81
N CYS B 225 2.05 22.07 -27.56
CA CYS B 225 2.41 21.17 -28.64
C CYS B 225 3.11 21.98 -29.74
N ASP B 226 4.45 21.85 -29.80
CA ASP B 226 5.33 22.50 -30.77
C ASP B 226 5.62 21.54 -31.93
N LYS B 227 4.95 21.73 -33.07
CA LYS B 227 5.09 20.89 -34.26
C LYS B 227 6.42 21.11 -34.99
N ALA B 228 7.13 22.21 -34.64
CA ALA B 228 8.43 22.59 -35.20
C ALA B 228 9.61 21.81 -34.57
N LYS B 229 9.33 21.07 -33.47
CA LYS B 229 10.28 20.20 -32.77
C LYS B 229 10.06 18.75 -33.22
N ILE B 230 8.91 18.49 -33.88
CA ILE B 230 8.54 17.17 -34.39
C ILE B 230 9.13 16.96 -35.80
N LYS B 231 10.30 16.28 -35.85
CA LYS B 231 11.05 15.93 -37.07
C LYS B 231 11.88 14.65 -36.82
N ASP B 232 12.38 13.99 -37.91
CA ASP B 232 13.16 12.72 -37.89
C ASP B 232 12.36 11.65 -37.12
N VAL B 233 11.05 11.61 -37.42
CA VAL B 233 10.07 10.80 -36.74
C VAL B 233 10.18 9.33 -36.97
N LEU B 234 9.83 8.57 -35.92
CA LEU B 234 9.71 7.15 -36.02
C LEU B 234 8.21 6.93 -36.21
N LYS B 235 7.86 6.31 -37.33
CA LYS B 235 6.50 5.93 -37.63
C LYS B 235 6.43 4.47 -37.27
N ILE B 236 5.28 4.04 -36.73
CA ILE B 236 5.02 2.64 -36.37
C ILE B 236 3.81 2.12 -37.18
N ASP B 237 3.86 0.83 -37.55
CA ASP B 237 2.84 0.19 -38.36
C ASP B 237 1.54 -0.07 -37.61
N GLY B 238 1.65 -0.36 -36.33
CA GLY B 238 0.51 -0.65 -35.47
C GLY B 238 0.85 -0.67 -34.00
N ARG B 239 -0.06 -1.26 -33.20
CA ARG B 239 0.01 -1.35 -31.74
C ARG B 239 -0.82 -2.55 -31.29
N GLN B 240 -0.42 -3.20 -30.21
CA GLN B 240 -1.14 -4.36 -29.69
C GLN B 240 -0.94 -4.46 -28.19
N ASN B 241 -1.93 -5.05 -27.52
CA ASN B 241 -1.92 -5.30 -26.09
C ASN B 241 -1.54 -6.75 -25.92
N VAL B 242 -0.73 -7.02 -24.90
CA VAL B 242 -0.37 -8.37 -24.57
C VAL B 242 -1.61 -8.96 -23.84
N PRO B 243 -2.07 -10.20 -24.15
CA PRO B 243 -3.18 -10.75 -23.36
C PRO B 243 -2.89 -10.67 -21.84
N GLY B 244 -3.79 -10.00 -21.14
CA GLY B 244 -3.68 -9.80 -19.71
C GLY B 244 -3.74 -11.07 -18.87
N LEU B 245 -3.15 -11.02 -17.65
CA LEU B 245 -3.11 -12.11 -16.67
C LEU B 245 -2.48 -13.39 -17.23
N ASP B 246 -1.42 -13.21 -18.02
CA ASP B 246 -0.67 -14.28 -18.69
C ASP B 246 0.81 -13.82 -18.77
N GLU B 247 1.63 -14.31 -17.81
CA GLU B 247 3.04 -13.92 -17.75
C GLU B 247 3.87 -14.63 -18.79
N GLU B 248 3.30 -15.68 -19.40
CA GLU B 248 3.90 -16.44 -20.49
C GLU B 248 3.69 -15.67 -21.81
N ALA B 249 2.50 -15.08 -22.00
CA ALA B 249 2.17 -14.28 -23.14
C ALA B 249 3.09 -13.07 -23.12
N LEU B 250 3.33 -12.52 -21.90
CA LEU B 250 4.21 -11.37 -21.65
C LEU B 250 5.66 -11.74 -21.95
N ARG B 251 6.10 -12.97 -21.59
CA ARG B 251 7.44 -13.50 -21.82
C ARG B 251 7.68 -13.59 -23.33
N LYS B 252 6.67 -14.10 -24.07
CA LYS B 252 6.67 -14.25 -25.54
C LYS B 252 6.82 -12.91 -26.23
N ALA B 253 6.15 -11.85 -25.76
CA ALA B 253 6.29 -10.51 -26.34
C ALA B 253 7.67 -9.89 -26.01
N VAL B 254 8.11 -9.94 -24.74
CA VAL B 254 9.42 -9.41 -24.29
C VAL B 254 10.57 -10.05 -25.09
N ALA B 255 10.44 -11.33 -25.45
CA ALA B 255 11.42 -12.09 -26.21
C ALA B 255 11.69 -11.48 -27.60
N HIS B 256 10.77 -10.63 -28.06
CA HIS B 256 10.84 -10.03 -29.38
C HIS B 256 11.12 -8.58 -29.34
N GLN B 257 10.69 -7.91 -28.27
CA GLN B 257 10.82 -6.46 -28.13
C GLN B 257 10.47 -5.98 -26.72
N PRO B 258 11.11 -4.91 -26.21
CA PRO B 258 10.69 -4.39 -24.89
C PRO B 258 9.20 -4.01 -24.89
N VAL B 259 8.54 -4.30 -23.78
CA VAL B 259 7.11 -4.13 -23.57
C VAL B 259 6.81 -3.04 -22.52
N ALA B 260 5.81 -2.20 -22.79
CA ALA B 260 5.37 -1.16 -21.90
C ALA B 260 4.24 -1.77 -21.02
N THR B 261 4.28 -1.52 -19.71
CA THR B 261 3.29 -2.05 -18.75
C THR B 261 3.22 -1.16 -17.53
N GLY B 262 2.07 -1.17 -16.88
CA GLY B 262 1.87 -0.50 -15.61
C GLY B 262 2.29 -1.48 -14.53
N ILE B 263 2.71 -0.94 -13.41
CA ILE B 263 3.19 -1.64 -12.23
C ILE B 263 2.88 -0.82 -10.98
N GLN B 264 2.75 -1.50 -9.83
CA GLN B 264 2.52 -0.83 -8.56
C GLN B 264 3.86 -0.68 -7.84
N LEU B 265 4.40 0.55 -7.80
CA LEU B 265 5.65 0.78 -7.08
C LEU B 265 5.50 1.55 -5.76
N SER B 266 4.42 1.29 -5.03
CA SER B 266 4.20 1.94 -3.74
C SER B 266 4.90 1.13 -2.68
N GLY B 267 5.12 1.73 -1.52
CA GLY B 267 5.78 1.06 -0.40
C GLY B 267 7.27 1.29 -0.28
N HIS B 268 7.74 1.34 0.98
CA HIS B 268 9.12 1.53 1.44
C HIS B 268 10.17 0.70 0.67
N GLY B 269 9.89 -0.60 0.53
CA GLY B 269 10.77 -1.58 -0.11
C GLY B 269 11.03 -1.29 -1.56
N LEU B 270 10.07 -0.62 -2.23
CA LEU B 270 10.24 -0.26 -3.63
C LEU B 270 10.84 1.12 -3.75
N GLN B 271 10.55 2.00 -2.76
CA GLN B 271 11.16 3.34 -2.66
C GLN B 271 12.68 3.21 -2.47
N PHE B 272 13.12 2.19 -1.69
CA PHE B 272 14.54 1.97 -1.39
C PHE B 272 15.18 0.78 -2.05
N TYR B 273 14.47 0.11 -2.98
CA TYR B 273 15.05 -1.05 -3.68
C TYR B 273 16.42 -0.68 -4.26
N SER B 274 17.39 -1.60 -4.08
CA SER B 274 18.77 -1.45 -4.54
C SER B 274 19.25 -2.59 -5.42
N GLU B 275 19.05 -3.84 -4.97
CA GLU B 275 19.52 -4.98 -5.73
C GLU B 275 18.82 -6.25 -5.40
N GLY B 276 18.95 -7.23 -6.28
CA GLY B 276 18.33 -8.54 -6.12
C GLY B 276 16.99 -8.62 -6.79
N VAL B 277 16.25 -9.70 -6.55
CA VAL B 277 14.91 -9.88 -7.11
C VAL B 277 13.90 -9.42 -6.07
N TYR B 278 13.05 -8.43 -6.43
CA TYR B 278 12.01 -7.99 -5.52
C TYR B 278 10.90 -9.07 -5.50
N THR B 279 10.76 -9.69 -4.32
CA THR B 279 9.81 -10.75 -4.03
C THR B 279 8.80 -10.28 -2.95
N GLY B 280 8.97 -9.05 -2.47
CA GLY B 280 8.21 -8.46 -1.39
C GLY B 280 6.75 -8.23 -1.73
N ASP B 281 6.00 -7.64 -0.77
CA ASP B 281 4.58 -7.35 -0.95
C ASP B 281 4.34 -6.22 -1.90
N CYS B 282 3.22 -6.28 -2.60
CA CYS B 282 2.83 -5.34 -3.62
C CYS B 282 1.36 -5.36 -3.79
N GLY B 283 0.78 -4.21 -4.12
CA GLY B 283 -0.64 -4.09 -4.45
C GLY B 283 -0.77 -4.41 -5.92
N THR B 284 -1.98 -4.61 -6.42
CA THR B 284 -2.16 -4.93 -7.84
C THR B 284 -2.95 -3.87 -8.57
N GLU B 285 -2.62 -2.60 -8.31
CA GLU B 285 -3.25 -1.49 -9.01
C GLU B 285 -2.15 -0.84 -9.79
N PRO B 286 -1.90 -1.40 -11.01
CA PRO B 286 -0.71 -1.01 -11.79
C PRO B 286 -0.74 0.41 -12.26
N ASN B 287 -0.60 1.36 -11.36
CA ASN B 287 -0.70 2.77 -11.65
C ASN B 287 0.53 3.52 -12.18
N HIS B 288 1.71 2.89 -12.20
CA HIS B 288 2.93 3.54 -12.67
C HIS B 288 3.53 2.74 -13.84
N GLY B 289 3.79 3.41 -14.97
CA GLY B 289 4.29 2.76 -16.17
C GLY B 289 5.78 2.57 -16.20
N VAL B 290 6.21 1.42 -16.76
CA VAL B 290 7.60 0.97 -16.91
C VAL B 290 7.81 0.17 -18.22
N GLY B 291 9.07 -0.05 -18.57
CA GLY B 291 9.41 -0.85 -19.73
C GLY B 291 10.07 -2.14 -19.28
N ILE B 292 9.50 -3.30 -19.66
CA ILE B 292 10.13 -4.60 -19.41
C ILE B 292 11.15 -4.81 -20.55
N VAL B 293 12.44 -4.93 -20.17
CA VAL B 293 13.51 -5.06 -21.15
C VAL B 293 14.11 -6.44 -21.19
N GLY B 294 13.67 -7.30 -20.28
CA GLY B 294 14.20 -8.66 -20.23
C GLY B 294 13.63 -9.51 -19.13
N TYR B 295 14.16 -10.72 -19.02
CA TYR B 295 13.75 -11.70 -18.03
C TYR B 295 14.83 -12.76 -17.89
N GLY B 296 14.73 -13.54 -16.83
CA GLY B 296 15.65 -14.63 -16.54
C GLY B 296 15.32 -15.29 -15.22
N GLU B 297 16.31 -15.99 -14.66
CA GLU B 297 16.19 -16.67 -13.39
C GLU B 297 17.52 -16.65 -12.66
N ASN B 298 17.44 -16.18 -11.42
CA ASN B 298 18.48 -16.03 -10.41
C ASN B 298 19.17 -17.37 -10.17
N GLU B 299 20.39 -17.36 -9.60
CA GLU B 299 21.12 -18.60 -9.28
C GLU B 299 20.47 -19.31 -8.10
N LYS B 300 19.58 -18.62 -7.41
CA LYS B 300 18.83 -19.21 -6.29
C LYS B 300 17.46 -19.74 -6.75
N GLY B 301 17.22 -19.72 -8.05
CA GLY B 301 16.01 -20.22 -8.68
C GLY B 301 14.86 -19.25 -8.83
N ILE B 302 15.08 -17.98 -8.53
CA ILE B 302 14.02 -16.98 -8.62
C ILE B 302 13.87 -16.40 -10.04
N LYS B 303 12.72 -16.65 -10.68
CA LYS B 303 12.39 -16.11 -12.01
C LYS B 303 12.12 -14.63 -11.87
N PHE B 304 12.61 -13.81 -12.80
CA PHE B 304 12.40 -12.37 -12.73
C PHE B 304 12.14 -11.68 -14.08
N TRP B 305 11.75 -10.40 -14.02
CA TRP B 305 11.53 -9.46 -15.12
C TRP B 305 12.58 -8.40 -14.87
N THR B 306 13.28 -7.95 -15.92
CA THR B 306 14.19 -6.82 -15.79
C THR B 306 13.36 -5.62 -16.25
N VAL B 307 13.07 -4.74 -15.31
CA VAL B 307 12.24 -3.57 -15.57
C VAL B 307 13.06 -2.27 -15.58
N LYS B 308 12.89 -1.44 -16.61
CA LYS B 308 13.55 -0.12 -16.71
C LYS B 308 12.63 0.93 -16.09
N ASN B 309 13.13 1.63 -15.08
CA ASN B 309 12.40 2.70 -14.43
C ASN B 309 12.86 4.08 -14.94
N SER B 310 12.08 5.10 -14.60
CA SER B 310 12.33 6.50 -14.95
C SER B 310 12.63 7.31 -13.69
N TRP B 311 13.39 6.74 -12.74
CA TRP B 311 13.68 7.42 -11.49
C TRP B 311 15.17 7.74 -11.36
N GLY B 312 15.83 7.76 -12.51
CA GLY B 312 17.27 8.02 -12.61
C GLY B 312 18.11 6.79 -12.30
N PRO B 313 19.42 6.84 -12.60
CA PRO B 313 20.28 5.66 -12.33
C PRO B 313 20.63 5.48 -10.85
N THR B 314 20.26 6.47 -10.05
CA THR B 314 20.47 6.57 -8.61
C THR B 314 19.56 5.63 -7.81
N TRP B 315 18.46 5.15 -8.44
CA TRP B 315 17.46 4.26 -7.86
C TRP B 315 17.68 2.82 -8.35
N GLY B 316 17.41 1.87 -7.46
CA GLY B 316 17.52 0.45 -7.78
C GLY B 316 18.88 0.00 -8.27
N GLU B 317 18.89 -0.94 -9.21
CA GLU B 317 20.10 -1.49 -9.80
C GLU B 317 20.45 -0.69 -11.05
N LYS B 318 21.09 0.49 -10.86
CA LYS B 318 21.48 1.46 -11.89
C LYS B 318 20.26 1.96 -12.69
N GLY B 319 19.12 2.09 -12.02
CA GLY B 319 17.88 2.55 -12.61
C GLY B 319 16.87 1.45 -12.90
N TYR B 320 17.28 0.17 -12.70
CA TYR B 320 16.47 -1.02 -12.95
C TYR B 320 15.97 -1.71 -11.72
N ILE B 321 14.95 -2.56 -11.92
CA ILE B 321 14.41 -3.43 -10.90
C ILE B 321 14.18 -4.81 -11.46
N HIS B 322 14.70 -5.83 -10.80
CA HIS B 322 14.44 -7.22 -11.17
C HIS B 322 13.28 -7.59 -10.28
N LEU B 323 12.10 -7.59 -10.90
CA LEU B 323 10.81 -7.88 -10.28
C LEU B 323 10.62 -9.40 -10.44
N GLN B 324 9.97 -10.07 -9.49
CA GLN B 324 9.70 -11.51 -9.55
C GLN B 324 8.76 -11.83 -10.67
N ARG B 325 9.07 -12.92 -11.39
CA ARG B 325 8.30 -13.39 -12.53
C ARG B 325 7.63 -14.71 -12.19
N GLY B 326 6.40 -14.88 -12.64
CA GLY B 326 5.57 -16.06 -12.42
C GLY B 326 4.99 -16.19 -11.03
N ALA B 327 4.95 -15.09 -10.26
CA ALA B 327 4.49 -15.06 -8.86
C ALA B 327 2.96 -15.01 -8.64
N ARG B 328 2.21 -14.25 -9.47
CA ARG B 328 0.75 -14.10 -9.37
C ARG B 328 0.18 -14.13 -10.77
N LYS B 329 -1.12 -14.47 -10.94
CA LYS B 329 -1.82 -14.48 -12.23
C LYS B 329 -1.71 -13.12 -12.93
N GLU B 330 -1.84 -12.01 -12.16
CA GLU B 330 -1.74 -10.62 -12.59
C GLU B 330 -0.28 -10.15 -12.61
N GLY B 331 0.64 -11.00 -12.12
CA GLY B 331 2.04 -10.69 -11.98
C GLY B 331 2.25 -9.90 -10.71
N LEU B 332 3.44 -9.98 -10.11
CA LEU B 332 3.77 -9.22 -8.90
C LEU B 332 3.63 -7.75 -9.25
N CYS B 333 2.91 -6.98 -8.39
CA CYS B 333 2.67 -5.54 -8.57
C CYS B 333 1.76 -5.21 -9.77
N GLY B 334 1.08 -6.22 -10.31
CA GLY B 334 0.18 -6.08 -11.46
C GLY B 334 0.89 -5.82 -12.75
N VAL B 335 2.12 -6.35 -12.89
CA VAL B 335 2.97 -6.23 -14.08
C VAL B 335 2.31 -6.83 -15.36
N ALA B 336 1.55 -7.95 -15.19
CA ALA B 336 0.87 -8.68 -16.26
C ALA B 336 -0.61 -8.30 -16.34
N MET B 337 -0.93 -7.04 -16.03
CA MET B 337 -2.31 -6.61 -16.07
C MET B 337 -2.62 -5.88 -17.33
N HIS B 338 -1.90 -4.76 -17.55
CA HIS B 338 -2.06 -3.89 -18.71
C HIS B 338 -0.71 -3.59 -19.39
N SER B 339 -0.26 -4.53 -20.23
CA SER B 339 0.99 -4.45 -21.01
C SER B 339 0.66 -4.36 -22.53
N SER B 340 1.48 -3.60 -23.28
CA SER B 340 1.31 -3.32 -24.73
C SER B 340 2.65 -2.98 -25.40
N PHE B 341 2.67 -2.96 -26.73
CA PHE B 341 3.89 -2.69 -27.49
C PHE B 341 3.59 -2.08 -28.88
N PRO B 342 4.51 -1.25 -29.44
CA PRO B 342 4.28 -0.72 -30.79
C PRO B 342 4.71 -1.75 -31.84
N ILE B 343 4.00 -1.83 -32.96
CA ILE B 343 4.34 -2.79 -33.99
C ILE B 343 5.04 -2.16 -35.19
N MET B 344 6.17 -2.75 -35.55
CA MET B 344 6.95 -2.40 -36.72
C MET B 344 7.05 -3.73 -37.44
N ASN B 345 6.21 -3.90 -38.50
CA ASN B 345 6.06 -5.11 -39.31
C ASN B 345 7.38 -5.74 -39.68
N ASP B 346 7.54 -7.06 -39.39
CA ASP B 346 8.78 -7.75 -39.66
C ASP B 346 9.08 -7.84 -41.17
N PRO B 347 10.20 -7.24 -41.63
CA PRO B 347 10.53 -7.31 -43.06
C PRO B 347 10.86 -8.73 -43.56
N ASN B 348 11.50 -9.54 -42.70
CA ASN B 348 11.87 -10.93 -42.97
C ASN B 348 11.20 -11.87 -41.92
N PRO B 349 9.92 -12.29 -42.15
CA PRO B 349 9.25 -13.16 -41.17
C PRO B 349 9.69 -14.63 -41.27
#